data_8JXX
#
_entry.id   8JXX
#
loop_
_entity.id
_entity.type
_entity.pdbx_description
1 polymer 'Histamine H4 receptor'
2 polymer 'Guanine nucleotide-binding protein G(i) subunit alpha-1'
3 polymer 'Guanine nucleotide-binding protein G(I)/G(S)/G(T) subunit beta-1'
4 polymer 'Guanine nucleotide-binding protein G(I)/G(S)/G(O) subunit gamma-2'
5 polymer scFv16
6 non-polymer "3-(1~{H}-imidazol-4-yl)propyl ~{N}'-[(4-chlorophenyl)methyl]carbamimidothioate"
#
loop_
_entity_poly.entity_id
_entity_poly.type
_entity_poly.pdbx_seq_one_letter_code
_entity_poly.pdbx_strand_id
1 'polypeptide(L)'
;MPDTNSTINLSLSTRVTLAFFMSLVAFAIMLGNALVILAFVVDKNLRHRSSYFFLNLAISDFFVGVISIPLYIPHTLFEW
DFGKEICVFWLTTDYLLCTASVYNIVLISYDRYLSVSNAVSYRTQHTGVLKIVTLMVAVWVLAFLVNGPMILVSESWKDE
GSECEPGFFSEWYILAITSFLEFVIPVILVAYFNMNIYWSLWKRDHLSRCQSHPGLTAVSSNICGHSFRGRLSSRRSLSA
STEVPASFHSERQRRKSSLMFSSRTKMNSNTIASKMGSFSQSDSVALHQREHVELLRARRLAKSLAILLGVFAVCWAPYS
LFTIVLSFYSSATGPKSVWYRIAFWLQWFNSFVNPLLYPLCHKRFQKAFLKIFCIKKQPLPSQHSRSVSS
;
R
2 'polypeptide(L)'
;MGCTLSAEDKAAVERSKMIDRNLREDGEKAAREVKLLLLGAGESGKSTIVKQMKIIHEAGYSEEECKQYKAVVYSNTIQS
IIAIIRAMGRLKIDFGDSARADDARQLFVLAGAAEEGFMTAELAGVIKRLWKDSGVQACFNRSREYQLNDSAAYYLNDLD
RIAQPNYIPTQQDVLRTRVKTTGIVETHFTFKDLHFKMFDVGAQRSERKKWIHCFEGVTAIIFCVALSDYDLVLAEDEEM
NRMHESMKLFDSICNNKWFTDTSIILFLNKKDLFEEKIKKSPLTICYPEYAGSNTYEEAAAYIQCQFEDLNKRKDTKEIY
THFTCSTDTKNVQFVFDAVTDVIIKNNLKDCGLF
;
B
3 'polypeptide(L)'
;MGSLLQSELDQLRQEAEQLKNQIRDARKACADATLSQITNNIDPVGRIQMRTRRTLRGHLAKIYAMHWGTDSRLLVSASQ
DGKLIIWDSYTTNKVHAIPLRSSWVMTCAYAPSGNYVACGGLDNICSIYNLKTREGNVRVSRELAGHTGYLSCCRFLDDN
QIVTSSGDTTCALWDIETGQQTTTFTGHTGDVMSLSLAPDTRLFVSGACDASAKLWDVREGMCRQTFTGHESDINAICFF
PNGNAFATGSDDATCRLFDLRADQELMTYSHDNIICGITSVSFSKSGRLLLAGYDDFNCNVWDALKADRAGVLAGHDNRV
SCLGVTDDGMAVATGSWDSFLKIWN
;
C
4 'polypeptide(L)' MASNNTASIAQARKLVEQLKMEANIDRIKVSKAAADLMAYCEAHAKEDPLLTPVPASENPFREKKFFCAIL D
5 'polypeptide(L)'
;VQLVESGGGLVQPGGSRKLSCSASGFAFSSFGMHWVRQAPEKGLEWVAYISSGSGTIYYADTVKGRFTISRDDPKNTLFL
QMTSLRSEDTAMYYCVRSIYYYGSSPFDFWGQGTTLTVSAGGGGSGGGGSGGGGSADIVMTQATSSVPVTPGESVSISCR
SSKSLLHSNGNTYLYWFLQRPGQSPQLLIYRMSNLASGVPDRFSGSGSGTAFTLTISRLEAEDVGVYYCMQHLEYPLTFG
AGTKLEL
;
E
#
loop_
_chem_comp.id
_chem_comp.type
_chem_comp.name
_chem_comp.formula
VCL non-polymer '3-(1~{H}-imidazol-4-yl)propyl ~{N}'-[(4-chlorophenyl)methyl]carbamimidothioate' 'C14 H17 Cl N4 S'
#
# COMPACT_ATOMS: atom_id res chain seq x y z
N THR A 14 0.98 -34.74 50.27
CA THR A 14 -0.33 -34.28 49.86
C THR A 14 -0.26 -32.85 49.31
N ARG A 15 0.51 -32.00 49.99
CA ARG A 15 0.67 -30.62 49.56
C ARG A 15 1.28 -30.53 48.17
N VAL A 16 2.10 -31.52 47.79
CA VAL A 16 2.87 -31.44 46.56
C VAL A 16 1.94 -31.35 45.36
N THR A 17 0.96 -32.25 45.27
CA THR A 17 0.07 -32.27 44.11
C THR A 17 -0.76 -30.99 44.03
N LEU A 18 -1.22 -30.49 45.18
CA LEU A 18 -2.01 -29.27 45.17
C LEU A 18 -1.19 -28.08 44.68
N ALA A 19 0.04 -27.94 45.17
CA ALA A 19 0.90 -26.87 44.69
C ALA A 19 1.20 -27.04 43.21
N PHE A 20 1.37 -28.29 42.76
CA PHE A 20 1.58 -28.58 41.35
C PHE A 20 0.44 -28.04 40.50
N PHE A 21 -0.80 -28.37 40.87
CA PHE A 21 -1.96 -27.91 40.12
C PHE A 21 -2.07 -26.39 40.16
N MET A 22 -1.79 -25.80 41.32
CA MET A 22 -1.90 -24.36 41.48
C MET A 22 -0.93 -23.64 40.55
N SER A 23 0.31 -24.12 40.50
CA SER A 23 1.30 -23.55 39.59
C SER A 23 0.90 -23.77 38.14
N LEU A 24 0.31 -24.93 37.83
CA LEU A 24 -0.15 -25.17 36.46
C LEU A 24 -1.17 -24.12 36.04
N VAL A 25 -2.12 -23.81 36.93
CA VAL A 25 -3.12 -22.81 36.61
C VAL A 25 -2.46 -21.46 36.39
N ALA A 26 -1.51 -21.08 37.24
CA ALA A 26 -0.84 -19.79 37.07
C ALA A 26 -0.12 -19.71 35.73
N PHE A 27 0.58 -20.79 35.36
CA PHE A 27 1.27 -20.82 34.08
C PHE A 27 0.29 -20.68 32.92
N ALA A 28 -0.85 -21.37 33.00
CA ALA A 28 -1.84 -21.26 31.93
C ALA A 28 -2.33 -19.82 31.79
N ILE A 29 -2.60 -19.15 32.91
CA ILE A 29 -3.08 -17.77 32.85
C ILE A 29 -2.05 -16.87 32.17
N MET A 30 -0.79 -16.98 32.60
CA MET A 30 0.23 -16.08 32.06
C MET A 30 0.41 -16.30 30.56
N LEU A 31 0.42 -17.56 30.12
CA LEU A 31 0.51 -17.83 28.69
C LEU A 31 -0.69 -17.27 27.94
N GLY A 32 -1.88 -17.46 28.50
CA GLY A 32 -3.10 -17.04 27.82
C GLY A 32 -3.14 -15.55 27.56
N ASN A 33 -2.62 -14.75 28.49
CA ASN A 33 -2.60 -13.32 28.23
C ASN A 33 -1.36 -12.86 27.47
N ALA A 34 -0.24 -13.57 27.58
CA ALA A 34 0.93 -13.23 26.79
C ALA A 34 0.64 -13.37 25.31
N LEU A 35 -0.15 -14.38 24.93
CA LEU A 35 -0.51 -14.53 23.52
C LEU A 35 -1.21 -13.29 22.99
N VAL A 36 -2.17 -12.76 23.74
CA VAL A 36 -2.91 -11.59 23.28
C VAL A 36 -1.98 -10.39 23.16
N ILE A 37 -1.10 -10.20 24.14
CA ILE A 37 -0.20 -9.05 24.07
C ILE A 37 0.71 -9.16 22.85
N LEU A 38 1.21 -10.36 22.58
CA LEU A 38 2.04 -10.56 21.39
C LEU A 38 1.27 -10.25 20.12
N ALA A 39 0.02 -10.72 20.04
CA ALA A 39 -0.78 -10.48 18.84
C ALA A 39 -0.99 -8.99 18.60
N PHE A 40 -1.23 -8.24 19.67
CA PHE A 40 -1.38 -6.79 19.49
C PHE A 40 -0.08 -6.15 19.04
N VAL A 41 1.06 -6.57 19.59
CA VAL A 41 2.29 -5.84 19.29
C VAL A 41 2.86 -6.21 17.93
N VAL A 42 2.60 -7.42 17.43
CA VAL A 42 3.16 -7.82 16.14
C VAL A 42 2.55 -7.04 14.99
N ASP A 43 1.23 -6.92 14.97
CA ASP A 43 0.51 -6.37 13.83
C ASP A 43 0.24 -4.88 14.01
N LYS A 44 0.12 -4.18 12.88
CA LYS A 44 -0.09 -2.73 12.86
C LYS A 44 -1.48 -2.33 12.40
N ASN A 45 -2.25 -3.26 11.83
CA ASN A 45 -3.60 -2.95 11.35
C ASN A 45 -4.65 -2.99 12.44
N LEU A 46 -4.25 -3.30 13.68
CA LEU A 46 -5.17 -3.48 14.80
C LEU A 46 -5.26 -2.24 15.65
N ARG A 47 -5.19 -1.05 15.06
CA ARG A 47 -5.36 0.18 15.83
C ARG A 47 -6.79 0.69 15.75
N HIS A 48 -7.70 -0.13 16.26
CA HIS A 48 -9.07 0.27 16.55
C HIS A 48 -9.23 0.47 18.05
N ARG A 49 -10.35 1.07 18.45
CA ARG A 49 -10.63 1.25 19.86
C ARG A 49 -10.79 -0.08 20.58
N SER A 50 -11.47 -1.04 19.94
CA SER A 50 -11.68 -2.33 20.56
C SER A 50 -10.37 -3.04 20.83
N SER A 51 -9.39 -2.90 19.94
CA SER A 51 -8.11 -3.57 20.16
C SER A 51 -7.35 -2.94 21.32
N TYR A 52 -7.42 -1.62 21.46
CA TYR A 52 -6.85 -0.96 22.62
C TYR A 52 -7.44 -1.51 23.90
N PHE A 53 -8.76 -1.62 23.96
CA PHE A 53 -9.39 -2.11 25.18
C PHE A 53 -9.05 -3.57 25.45
N PHE A 54 -8.96 -4.39 24.41
CA PHE A 54 -8.57 -5.78 24.61
C PHE A 54 -7.14 -5.90 25.13
N LEU A 55 -6.23 -5.05 24.63
CA LEU A 55 -4.89 -5.00 25.19
C LEU A 55 -4.91 -4.65 26.67
N ASN A 56 -5.72 -3.65 27.04
CA ASN A 56 -5.79 -3.24 28.43
C ASN A 56 -6.25 -4.39 29.33
N LEU A 57 -7.28 -5.12 28.89
CA LEU A 57 -7.77 -6.26 29.66
C LEU A 57 -6.70 -7.32 29.81
N ALA A 58 -5.99 -7.63 28.73
CA ALA A 58 -4.96 -8.66 28.79
C ALA A 58 -3.82 -8.26 29.72
N ILE A 59 -3.39 -6.99 29.67
CA ILE A 59 -2.33 -6.53 30.56
C ILE A 59 -2.77 -6.67 32.01
N SER A 60 -3.99 -6.22 32.32
CA SER A 60 -4.44 -6.27 33.70
C SER A 60 -4.52 -7.69 34.22
N ASP A 61 -4.95 -8.63 33.40
CA ASP A 61 -5.07 -10.00 33.87
C ASP A 61 -3.80 -10.83 33.68
N PHE A 62 -2.73 -10.25 33.14
CA PHE A 62 -1.47 -10.98 33.03
C PHE A 62 -0.80 -11.15 34.39
N PHE A 63 -0.76 -10.07 35.18
CA PHE A 63 0.06 -10.06 36.40
C PHE A 63 -0.49 -10.97 37.49
N VAL A 64 -1.80 -11.24 37.49
CA VAL A 64 -2.37 -12.10 38.52
C VAL A 64 -1.72 -13.47 38.50
N GLY A 65 -1.44 -14.01 37.31
CA GLY A 65 -0.81 -15.31 37.24
C GLY A 65 0.67 -15.34 37.52
N VAL A 66 1.29 -14.17 37.70
CA VAL A 66 2.71 -14.07 37.97
C VAL A 66 2.99 -13.70 39.42
N ILE A 67 2.20 -12.79 40.00
CA ILE A 67 2.52 -12.26 41.31
C ILE A 67 1.72 -12.93 42.41
N SER A 68 0.40 -12.80 42.36
CA SER A 68 -0.51 -13.07 43.49
C SER A 68 -0.51 -14.54 43.90
N ILE A 69 -0.62 -15.44 42.92
CA ILE A 69 -0.73 -16.89 43.15
C ILE A 69 0.59 -17.48 43.67
N PRO A 70 1.76 -17.20 43.09
CA PRO A 70 2.99 -17.78 43.65
C PRO A 70 3.23 -17.37 45.09
N LEU A 71 3.16 -16.09 45.40
CA LEU A 71 3.34 -15.67 46.79
C LEU A 71 2.30 -16.30 47.70
N TYR A 72 1.09 -16.52 47.19
CA TYR A 72 0.06 -17.16 47.99
C TYR A 72 0.33 -18.63 48.27
N ILE A 73 1.08 -19.31 47.39
CA ILE A 73 1.29 -20.76 47.54
C ILE A 73 1.85 -21.10 48.93
N PRO A 74 3.06 -20.66 49.29
CA PRO A 74 3.61 -21.10 50.58
C PRO A 74 2.93 -20.43 51.76
N HIS A 75 2.30 -19.28 51.55
CA HIS A 75 1.60 -18.58 52.62
C HIS A 75 0.60 -19.49 53.33
N THR A 76 -0.02 -20.38 52.58
CA THR A 76 -0.96 -21.32 53.16
C THR A 76 -0.52 -22.77 53.01
N LEU A 77 0.60 -23.03 52.35
CA LEU A 77 1.08 -24.40 52.25
C LEU A 77 2.31 -24.69 53.09
N PHE A 78 3.26 -23.75 53.20
CA PHE A 78 4.51 -24.04 53.89
C PHE A 78 4.76 -23.17 55.11
N GLU A 79 4.81 -21.85 54.99
CA GLU A 79 5.38 -21.06 56.08
C GLU A 79 5.02 -19.58 55.96
N TRP A 80 4.51 -19.02 57.06
CA TRP A 80 4.39 -17.57 57.26
C TRP A 80 5.59 -17.01 58.03
N ASP A 81 6.71 -16.97 57.34
CA ASP A 81 7.83 -16.11 57.75
C ASP A 81 7.87 -14.83 56.91
N PHE A 82 6.80 -14.05 56.89
CA PHE A 82 6.72 -12.94 55.94
C PHE A 82 6.29 -11.62 56.54
N GLY A 83 5.50 -11.61 57.59
CA GLY A 83 5.20 -10.37 58.29
C GLY A 83 4.35 -9.42 57.46
N LYS A 84 4.20 -8.21 57.99
CA LYS A 84 3.28 -7.24 57.39
C LYS A 84 3.86 -6.61 56.12
N GLU A 85 5.19 -6.47 56.04
CA GLU A 85 5.80 -5.76 54.92
C GLU A 85 5.54 -6.44 53.58
N ILE A 86 5.12 -7.71 53.59
CA ILE A 86 4.75 -8.42 52.37
C ILE A 86 3.23 -8.48 52.28
N CYS A 87 2.58 -8.57 53.44
CA CYS A 87 1.12 -8.70 53.47
C CYS A 87 0.44 -7.49 52.84
N VAL A 88 0.89 -6.28 53.20
CA VAL A 88 0.23 -5.09 52.66
C VAL A 88 0.42 -5.00 51.15
N PHE A 89 1.63 -5.27 50.67
CA PHE A 89 1.91 -5.30 49.23
C PHE A 89 0.98 -6.29 48.52
N TRP A 90 0.92 -7.52 49.03
CA TRP A 90 0.15 -8.56 48.36
C TRP A 90 -1.34 -8.23 48.30
N LEU A 91 -1.91 -7.72 49.41
CA LEU A 91 -3.33 -7.36 49.43
C LEU A 91 -3.64 -6.22 48.47
N THR A 92 -2.81 -5.17 48.45
CA THR A 92 -3.08 -4.03 47.57
C THR A 92 -2.98 -4.44 46.10
N THR A 93 -1.94 -5.18 45.73
CA THR A 93 -1.77 -5.59 44.34
C THR A 93 -2.98 -6.43 43.90
N ASP A 94 -3.38 -7.47 44.64
CA ASP A 94 -4.43 -8.40 44.19
C ASP A 94 -5.83 -7.75 44.12
N TYR A 95 -6.13 -6.83 45.05
CA TYR A 95 -7.37 -6.05 45.01
C TYR A 95 -7.39 -5.09 43.80
N LEU A 96 -6.29 -4.38 43.51
CA LEU A 96 -6.17 -3.51 42.34
C LEU A 96 -6.43 -4.27 41.04
N LEU A 97 -5.76 -5.42 40.84
CA LEU A 97 -5.82 -6.15 39.57
C LEU A 97 -7.25 -6.68 39.31
N CYS A 98 -7.85 -7.31 40.33
CA CYS A 98 -9.22 -7.84 40.25
C CYS A 98 -10.23 -6.76 39.88
N THR A 99 -10.13 -5.56 40.49
CA THR A 99 -11.03 -4.43 40.20
C THR A 99 -10.79 -3.86 38.79
N ALA A 100 -9.54 -3.73 38.34
CA ALA A 100 -9.25 -3.25 36.99
C ALA A 100 -9.83 -4.16 35.92
N SER A 101 -9.76 -5.48 36.14
CA SER A 101 -10.32 -6.40 35.15
C SER A 101 -11.82 -6.18 34.98
N VAL A 102 -12.55 -6.03 36.09
CA VAL A 102 -14.00 -5.82 35.97
C VAL A 102 -14.30 -4.53 35.20
N TYR A 103 -13.60 -3.44 35.51
CA TYR A 103 -13.94 -2.20 34.82
C TYR A 103 -13.58 -2.25 33.34
N ASN A 104 -12.54 -3.01 32.97
CA ASN A 104 -12.27 -3.20 31.55
C ASN A 104 -13.43 -3.91 30.86
N ILE A 105 -14.01 -4.92 31.52
CA ILE A 105 -15.17 -5.59 30.92
C ILE A 105 -16.31 -4.60 30.67
N VAL A 106 -16.60 -3.76 31.66
CA VAL A 106 -17.70 -2.81 31.47
C VAL A 106 -17.40 -1.88 30.30
N LEU A 107 -16.16 -1.45 30.16
CA LEU A 107 -15.82 -0.53 29.07
C LEU A 107 -16.01 -1.18 27.70
N ILE A 108 -15.58 -2.43 27.55
CA ILE A 108 -15.77 -3.12 26.28
C ILE A 108 -17.24 -3.22 25.94
N SER A 109 -18.08 -3.54 26.93
CA SER A 109 -19.52 -3.62 26.68
C SER A 109 -20.08 -2.29 26.21
N TYR A 110 -19.66 -1.18 26.85
CA TYR A 110 -20.17 0.13 26.44
C TYR A 110 -19.79 0.47 25.00
N ASP A 111 -18.54 0.16 24.62
CA ASP A 111 -18.14 0.40 23.23
C ASP A 111 -19.00 -0.39 22.27
N ARG A 112 -19.23 -1.67 22.57
CA ARG A 112 -20.02 -2.50 21.68
C ARG A 112 -21.45 -2.01 21.57
N TYR A 113 -21.99 -1.43 22.64
CA TYR A 113 -23.32 -0.80 22.57
C TYR A 113 -23.34 0.40 21.64
N LEU A 114 -22.39 1.33 21.81
CA LEU A 114 -22.36 2.47 20.90
C LEU A 114 -22.14 2.06 19.45
N SER A 115 -21.60 0.86 19.22
CA SER A 115 -21.42 0.42 17.84
C SER A 115 -22.74 0.37 17.08
N VAL A 116 -23.81 -0.13 17.70
CA VAL A 116 -25.07 -0.33 16.99
C VAL A 116 -26.15 0.66 17.40
N SER A 117 -26.00 1.37 18.52
CA SER A 117 -27.01 2.36 18.87
C SER A 117 -27.05 3.50 17.85
N ASN A 118 -25.88 4.00 17.45
CA ASN A 118 -25.76 5.15 16.55
C ASN A 118 -24.56 4.89 15.64
N ALA A 119 -24.84 4.29 14.48
CA ALA A 119 -23.75 3.80 13.63
C ALA A 119 -23.14 4.91 12.77
N VAL A 120 -23.96 5.85 12.29
CA VAL A 120 -23.45 6.90 11.42
C VAL A 120 -22.47 7.78 12.17
N SER A 121 -22.82 8.20 13.38
CA SER A 121 -21.91 9.03 14.16
C SER A 121 -20.72 8.24 14.67
N TYR A 122 -20.81 6.92 14.73
CA TYR A 122 -19.69 6.09 15.15
C TYR A 122 -18.74 5.77 14.01
N ARG A 123 -19.17 5.98 12.76
CA ARG A 123 -18.27 5.74 11.65
C ARG A 123 -17.40 6.94 11.29
N THR A 124 -17.82 8.15 11.62
CA THR A 124 -17.15 9.36 11.14
C THR A 124 -16.59 10.20 12.28
N GLN A 125 -15.92 9.56 13.22
CA GLN A 125 -15.13 10.27 14.23
C GLN A 125 -13.66 9.88 14.11
N HIS A 126 -12.80 10.84 14.46
CA HIS A 126 -11.40 10.80 14.04
C HIS A 126 -10.42 10.46 15.14
N THR A 127 -10.75 10.71 16.41
CA THR A 127 -9.77 10.62 17.48
C THR A 127 -9.11 9.25 17.53
N GLY A 128 -7.79 9.24 17.67
CA GLY A 128 -7.09 7.98 17.60
C GLY A 128 -5.93 7.70 18.54
N VAL A 129 -5.45 8.67 19.33
CA VAL A 129 -4.36 8.34 20.23
C VAL A 129 -4.63 8.79 21.67
N LEU A 130 -4.89 10.08 21.86
CA LEU A 130 -4.77 10.64 23.19
C LEU A 130 -5.96 10.31 24.08
N LYS A 131 -7.19 10.45 23.57
CA LYS A 131 -8.36 10.18 24.40
C LYS A 131 -8.42 8.73 24.85
N ILE A 132 -7.94 7.81 24.01
CA ILE A 132 -7.95 6.40 24.38
C ILE A 132 -7.02 6.15 25.56
N VAL A 133 -5.82 6.72 25.52
CA VAL A 133 -4.90 6.59 26.64
C VAL A 133 -5.48 7.26 27.88
N THR A 134 -6.19 8.37 27.70
CA THR A 134 -6.85 9.01 28.83
C THR A 134 -7.87 8.06 29.47
N LEU A 135 -8.66 7.37 28.64
CA LEU A 135 -9.65 6.43 29.17
C LEU A 135 -9.00 5.30 29.94
N MET A 136 -7.93 4.71 29.39
CA MET A 136 -7.27 3.63 30.10
C MET A 136 -6.70 4.10 31.44
N VAL A 137 -6.09 5.29 31.47
CA VAL A 137 -5.55 5.81 32.72
C VAL A 137 -6.67 6.05 33.72
N ALA A 138 -7.83 6.52 33.25
CA ALA A 138 -8.96 6.70 34.15
C ALA A 138 -9.41 5.38 34.73
N VAL A 139 -9.41 4.31 33.92
CA VAL A 139 -9.77 2.98 34.41
C VAL A 139 -8.87 2.60 35.58
N TRP A 140 -7.57 2.74 35.38
CA TRP A 140 -6.64 2.31 36.43
C TRP A 140 -6.76 3.18 37.68
N VAL A 141 -6.94 4.49 37.49
CA VAL A 141 -7.07 5.39 38.63
C VAL A 141 -8.28 5.01 39.48
N LEU A 142 -9.43 4.78 38.83
CA LEU A 142 -10.62 4.38 39.58
C LEU A 142 -10.41 3.05 40.28
N ALA A 143 -9.78 2.10 39.59
CA ALA A 143 -9.55 0.76 40.17
C ALA A 143 -8.68 0.80 41.41
N PHE A 144 -7.70 1.73 41.45
CA PHE A 144 -6.97 1.93 42.69
C PHE A 144 -7.84 2.63 43.74
N LEU A 145 -8.45 3.77 43.37
CA LEU A 145 -9.13 4.60 44.36
C LEU A 145 -10.31 3.92 45.01
N VAL A 146 -10.88 2.84 44.48
CA VAL A 146 -12.00 2.15 45.15
C VAL A 146 -11.54 1.26 46.33
N ASN A 147 -10.25 0.87 46.36
CA ASN A 147 -9.72 0.00 47.40
C ASN A 147 -8.59 0.65 48.23
N GLY A 148 -7.59 1.27 47.59
CA GLY A 148 -6.33 1.69 48.22
C GLY A 148 -6.48 2.46 49.52
N PRO A 149 -7.15 3.61 49.46
CA PRO A 149 -7.34 4.41 50.68
C PRO A 149 -8.03 3.65 51.81
N MET A 150 -8.97 2.77 51.48
CA MET A 150 -9.71 2.08 52.53
C MET A 150 -9.00 0.83 53.04
N ILE A 151 -7.97 0.35 52.34
CA ILE A 151 -7.23 -0.81 52.80
C ILE A 151 -5.93 -0.40 53.50
N LEU A 152 -5.31 0.71 53.09
CA LEU A 152 -4.03 1.09 53.69
C LEU A 152 -4.20 1.54 55.14
N VAL A 153 -5.32 2.18 55.47
CA VAL A 153 -5.48 2.84 56.76
C VAL A 153 -5.98 1.86 57.81
N SER A 154 -5.98 0.57 57.49
CA SER A 154 -6.35 -0.44 58.46
C SER A 154 -5.30 -0.50 59.57
N GLU A 155 -5.77 -0.61 60.81
CA GLU A 155 -4.89 -0.53 61.98
C GLU A 155 -4.96 -1.75 62.87
N SER A 156 -6.14 -2.35 63.04
CA SER A 156 -6.28 -3.51 63.92
C SER A 156 -5.81 -4.80 63.24
N TRP A 157 -5.54 -4.77 61.94
CA TRP A 157 -5.04 -5.95 61.24
C TRP A 157 -3.59 -6.27 61.58
N GLU A 163 -4.46 -13.32 60.82
CA GLU A 163 -4.19 -13.75 59.47
C GLU A 163 -3.98 -12.56 58.55
N CYS A 164 -3.28 -12.80 57.44
CA CYS A 164 -2.98 -11.76 56.45
C CYS A 164 -4.26 -11.46 55.67
N GLU A 165 -5.13 -10.68 56.30
CA GLU A 165 -6.40 -10.27 55.73
C GLU A 165 -6.67 -8.82 56.12
N PRO A 166 -7.44 -8.10 55.33
CA PRO A 166 -7.73 -6.69 55.67
C PRO A 166 -8.49 -6.59 56.97
N GLY A 167 -8.24 -5.48 57.69
CA GLY A 167 -8.82 -5.32 59.01
C GLY A 167 -10.26 -4.86 59.02
N PHE A 168 -10.68 -4.14 57.98
CA PHE A 168 -12.06 -3.65 57.98
C PHE A 168 -13.10 -4.76 57.82
N PHE A 169 -12.69 -6.04 57.76
CA PHE A 169 -13.61 -7.14 58.05
C PHE A 169 -14.26 -7.04 59.44
N SER A 170 -13.66 -6.32 60.39
CA SER A 170 -14.26 -6.20 61.71
C SER A 170 -15.59 -5.48 61.69
N GLU A 171 -15.89 -4.72 60.64
CA GLU A 171 -17.16 -4.04 60.49
C GLU A 171 -17.74 -4.43 59.15
N TRP A 172 -18.91 -5.09 59.17
CA TRP A 172 -19.45 -5.71 57.97
C TRP A 172 -20.11 -4.70 57.03
N TYR A 173 -20.50 -3.51 57.50
CA TYR A 173 -21.16 -2.55 56.62
C TYR A 173 -20.18 -1.84 55.68
N ILE A 174 -18.91 -1.75 56.05
CA ILE A 174 -17.86 -1.38 55.08
C ILE A 174 -17.71 -2.45 53.98
N LEU A 175 -17.83 -3.74 54.33
CA LEU A 175 -17.90 -4.82 53.35
C LEU A 175 -19.15 -4.71 52.46
N ALA A 176 -20.28 -4.27 53.01
CA ALA A 176 -21.53 -4.04 52.25
C ALA A 176 -21.38 -2.93 51.22
N ILE A 177 -20.86 -1.75 51.61
CA ILE A 177 -20.62 -0.64 50.68
C ILE A 177 -19.62 -1.02 49.59
N THR A 178 -18.51 -1.68 49.95
CA THR A 178 -17.48 -2.09 48.99
C THR A 178 -18.03 -3.14 48.02
N SER A 179 -18.77 -4.14 48.52
CA SER A 179 -19.41 -5.16 47.68
C SER A 179 -20.44 -4.56 46.74
N PHE A 180 -21.31 -3.68 47.23
CA PHE A 180 -22.33 -3.03 46.42
C PHE A 180 -21.70 -2.24 45.25
N LEU A 181 -20.77 -1.33 45.54
CA LEU A 181 -20.26 -0.39 44.55
C LEU A 181 -19.42 -1.08 43.47
N GLU A 182 -18.82 -2.21 43.81
CA GLU A 182 -17.93 -2.94 42.94
C GLU A 182 -18.58 -4.13 42.21
N PHE A 183 -19.66 -4.73 42.75
CA PHE A 183 -20.35 -5.88 42.14
C PHE A 183 -21.76 -5.58 41.59
N VAL A 184 -22.61 -4.80 42.29
CA VAL A 184 -23.99 -4.65 41.88
C VAL A 184 -24.09 -3.85 40.58
N ILE A 185 -23.41 -2.71 40.52
CA ILE A 185 -23.54 -1.78 39.40
C ILE A 185 -23.02 -2.38 38.09
N PRO A 186 -21.85 -3.01 38.05
CA PRO A 186 -21.40 -3.61 36.77
C PRO A 186 -22.38 -4.62 36.19
N VAL A 187 -23.02 -5.45 37.03
CA VAL A 187 -23.96 -6.43 36.51
C VAL A 187 -25.14 -5.73 35.84
N ILE A 188 -25.66 -4.70 36.48
CA ILE A 188 -26.79 -3.95 35.92
C ILE A 188 -26.39 -3.33 34.58
N LEU A 189 -25.20 -2.72 34.53
CA LEU A 189 -24.78 -2.08 33.29
C LEU A 189 -24.61 -3.08 32.16
N VAL A 190 -23.98 -4.22 32.44
CA VAL A 190 -23.78 -5.21 31.38
C VAL A 190 -25.12 -5.74 30.88
N ALA A 191 -26.04 -6.03 31.81
CA ALA A 191 -27.35 -6.53 31.39
C ALA A 191 -28.11 -5.50 30.56
N TYR A 192 -28.06 -4.23 30.96
CA TYR A 192 -28.77 -3.19 30.23
C TYR A 192 -28.22 -3.03 28.82
N PHE A 193 -26.89 -2.98 28.68
CA PHE A 193 -26.30 -2.81 27.36
C PHE A 193 -26.61 -4.00 26.47
N ASN A 194 -26.54 -5.21 27.00
CA ASN A 194 -26.81 -6.37 26.16
C ASN A 194 -28.27 -6.43 25.72
N MET A 195 -29.21 -6.09 26.61
CA MET A 195 -30.61 -6.06 26.20
C MET A 195 -30.85 -5.00 25.12
N ASN A 196 -30.21 -3.84 25.25
CA ASN A 196 -30.38 -2.84 24.19
C ASN A 196 -29.81 -3.32 22.86
N ILE A 197 -28.71 -4.07 22.88
CA ILE A 197 -28.21 -4.64 21.63
C ILE A 197 -29.26 -5.56 21.01
N TYR A 198 -29.86 -6.42 21.83
CA TYR A 198 -30.84 -7.37 21.30
C TYR A 198 -32.04 -6.64 20.71
N TRP A 199 -32.56 -5.65 21.42
CA TRP A 199 -33.72 -4.91 20.91
C TRP A 199 -33.38 -4.12 19.66
N SER A 200 -32.17 -3.56 19.57
CA SER A 200 -31.79 -2.86 18.35
C SER A 200 -31.76 -3.81 17.16
N LEU A 201 -31.20 -5.02 17.33
CA LEU A 201 -31.13 -5.93 16.19
C LEU A 201 -32.50 -6.45 15.80
N TRP A 202 -33.28 -6.91 16.77
CA TRP A 202 -34.41 -7.79 16.45
C TRP A 202 -35.50 -7.08 15.65
N LYS A 203 -35.60 -5.77 15.78
CA LYS A 203 -36.61 -5.02 15.02
C LYS A 203 -36.05 -4.57 13.67
N VAL A 293 -34.38 -16.80 7.58
CA VAL A 293 -33.80 -17.44 8.74
C VAL A 293 -33.61 -16.42 9.87
N GLU A 294 -34.60 -15.53 10.01
CA GLU A 294 -34.55 -14.51 11.04
C GLU A 294 -34.56 -15.13 12.44
N LEU A 295 -35.34 -16.20 12.62
CA LEU A 295 -35.46 -16.84 13.93
C LEU A 295 -34.11 -17.38 14.39
N LEU A 296 -33.34 -17.97 13.48
CA LEU A 296 -32.03 -18.48 13.84
C LEU A 296 -31.09 -17.37 14.29
N ARG A 297 -31.10 -16.23 13.58
CA ARG A 297 -30.28 -15.10 13.99
C ARG A 297 -30.69 -14.61 15.38
N ALA A 298 -31.99 -14.46 15.62
CA ALA A 298 -32.44 -13.97 16.91
C ALA A 298 -32.01 -14.91 18.03
N ARG A 299 -32.18 -16.22 17.82
CA ARG A 299 -31.85 -17.17 18.87
C ARG A 299 -30.36 -17.23 19.12
N ARG A 300 -29.54 -17.16 18.07
CA ARG A 300 -28.10 -17.14 18.26
C ARG A 300 -27.65 -15.92 19.05
N LEU A 301 -28.18 -14.75 18.70
CA LEU A 301 -27.80 -13.54 19.42
C LEU A 301 -28.19 -13.62 20.88
N ALA A 302 -29.41 -14.08 21.16
CA ALA A 302 -29.84 -14.20 22.55
C ALA A 302 -28.96 -15.16 23.32
N LYS A 303 -28.62 -16.31 22.71
CA LYS A 303 -27.79 -17.30 23.38
C LYS A 303 -26.43 -16.73 23.74
N SER A 304 -25.80 -16.02 22.78
CA SER A 304 -24.46 -15.52 23.04
C SER A 304 -24.45 -14.45 24.13
N LEU A 305 -25.39 -13.51 24.07
CA LEU A 305 -25.42 -12.48 25.12
C LEU A 305 -25.69 -13.09 26.48
N ALA A 306 -26.59 -14.08 26.54
CA ALA A 306 -26.88 -14.74 27.81
C ALA A 306 -25.64 -15.45 28.35
N ILE A 307 -24.87 -16.11 27.47
CA ILE A 307 -23.67 -16.79 27.93
C ILE A 307 -22.70 -15.80 28.58
N LEU A 308 -22.43 -14.68 27.91
CA LEU A 308 -21.49 -13.71 28.48
C LEU A 308 -21.94 -13.26 29.86
N LEU A 309 -23.18 -12.77 29.95
CA LEU A 309 -23.63 -12.21 31.22
C LEU A 309 -23.66 -13.28 32.31
N GLY A 310 -24.09 -14.49 31.98
CA GLY A 310 -24.19 -15.55 32.97
C GLY A 310 -22.84 -15.93 33.53
N VAL A 311 -21.84 -16.12 32.66
CA VAL A 311 -20.51 -16.49 33.16
C VAL A 311 -19.99 -15.41 34.08
N PHE A 312 -20.13 -14.14 33.69
CA PHE A 312 -19.62 -13.07 34.55
C PHE A 312 -20.28 -13.10 35.93
N ALA A 313 -21.61 -13.16 35.96
CA ALA A 313 -22.31 -13.10 37.25
C ALA A 313 -22.00 -14.30 38.12
N VAL A 314 -21.94 -15.50 37.52
CA VAL A 314 -21.64 -16.69 38.30
C VAL A 314 -20.26 -16.61 38.92
N CYS A 315 -19.26 -16.15 38.15
CA CYS A 315 -17.93 -16.10 38.74
C CYS A 315 -17.79 -15.02 39.81
N TRP A 316 -18.57 -13.93 39.74
CA TRP A 316 -18.36 -12.79 40.65
C TRP A 316 -19.32 -12.69 41.84
N ALA A 317 -20.44 -13.42 41.86
CA ALA A 317 -21.38 -13.26 42.96
C ALA A 317 -21.08 -14.04 44.24
N PRO A 318 -20.78 -15.36 44.15
CA PRO A 318 -20.79 -16.18 45.37
C PRO A 318 -19.83 -15.74 46.48
N TYR A 319 -18.60 -15.27 46.19
CA TYR A 319 -17.67 -14.88 47.26
C TYR A 319 -18.08 -13.57 47.95
N SER A 320 -18.59 -12.59 47.20
CA SER A 320 -19.10 -11.34 47.77
C SER A 320 -20.30 -11.62 48.69
N LEU A 321 -21.28 -12.40 48.23
CA LEU A 321 -22.44 -12.78 49.04
C LEU A 321 -22.08 -13.60 50.27
N PHE A 322 -21.27 -14.64 50.10
CA PHE A 322 -20.88 -15.48 51.23
C PHE A 322 -20.08 -14.68 52.29
N THR A 323 -19.19 -13.78 51.86
CA THR A 323 -18.42 -12.94 52.79
C THR A 323 -19.30 -11.97 53.57
N ILE A 324 -20.24 -11.27 52.90
CA ILE A 324 -21.11 -10.31 53.58
C ILE A 324 -22.12 -10.98 54.51
N VAL A 325 -22.62 -12.18 54.18
CA VAL A 325 -23.52 -12.91 55.08
C VAL A 325 -22.78 -13.54 56.26
N LEU A 326 -21.56 -14.03 56.05
CA LEU A 326 -20.83 -14.68 57.13
C LEU A 326 -20.33 -13.68 58.15
N SER A 327 -19.83 -12.52 57.70
CA SER A 327 -19.27 -11.56 58.64
C SER A 327 -20.33 -10.84 59.45
N PHE A 328 -21.61 -11.03 59.15
CA PHE A 328 -22.65 -10.31 59.87
C PHE A 328 -22.71 -10.73 61.34
N TYR A 329 -22.75 -12.03 61.59
CA TYR A 329 -22.82 -12.52 62.96
C TYR A 329 -21.64 -13.42 63.33
N SER A 330 -21.24 -14.33 62.45
CA SER A 330 -20.12 -15.23 62.72
C SER A 330 -18.81 -14.47 62.57
N SER A 331 -18.52 -13.64 63.57
CA SER A 331 -17.34 -12.78 63.53
C SER A 331 -16.10 -13.63 63.74
N LYS A 336 -12.15 -21.66 58.81
CA LYS A 336 -13.20 -21.41 57.84
C LYS A 336 -13.33 -22.63 56.95
N SER A 337 -14.57 -23.04 56.68
CA SER A 337 -14.83 -24.30 56.00
C SER A 337 -14.30 -24.25 54.57
N VAL A 338 -14.38 -25.39 53.88
CA VAL A 338 -13.87 -25.47 52.52
C VAL A 338 -14.68 -24.62 51.55
N TRP A 339 -15.91 -24.24 51.91
CA TRP A 339 -16.73 -23.44 51.02
C TRP A 339 -16.14 -22.03 50.86
N TYR A 340 -15.62 -21.47 51.93
CA TYR A 340 -14.97 -20.17 51.83
C TYR A 340 -13.80 -20.23 50.88
N ARG A 341 -12.99 -21.30 50.97
CA ARG A 341 -11.86 -21.45 50.06
C ARG A 341 -12.29 -21.66 48.63
N ILE A 342 -13.40 -22.38 48.39
CA ILE A 342 -13.82 -22.59 47.00
C ILE A 342 -14.33 -21.30 46.40
N ALA A 343 -15.03 -20.45 47.18
CA ALA A 343 -15.43 -19.11 46.74
C ALA A 343 -14.24 -18.17 46.49
N PHE A 344 -13.24 -18.17 47.37
CA PHE A 344 -12.04 -17.34 47.22
C PHE A 344 -11.30 -17.64 45.91
N TRP A 345 -11.17 -18.92 45.57
CA TRP A 345 -10.58 -19.38 44.31
C TRP A 345 -11.46 -19.13 43.08
N LEU A 346 -12.77 -18.97 43.25
CA LEU A 346 -13.69 -18.76 42.14
C LEU A 346 -13.57 -17.35 41.53
N GLN A 347 -13.21 -16.36 42.36
CA GLN A 347 -12.90 -15.00 41.90
C GLN A 347 -11.72 -14.97 40.90
N TRP A 348 -10.63 -15.71 41.17
CA TRP A 348 -9.47 -15.77 40.28
C TRP A 348 -9.75 -16.59 39.00
N PHE A 349 -10.74 -17.49 38.98
CA PHE A 349 -10.99 -18.31 37.78
C PHE A 349 -11.51 -17.51 36.60
N ASN A 350 -11.99 -16.29 36.83
CA ASN A 350 -12.46 -15.45 35.73
C ASN A 350 -11.34 -15.10 34.77
N SER A 351 -10.17 -14.77 35.31
CA SER A 351 -9.05 -14.32 34.48
C SER A 351 -8.56 -15.39 33.53
N PHE A 352 -8.90 -16.64 33.78
CA PHE A 352 -8.62 -17.71 32.83
C PHE A 352 -9.60 -17.67 31.66
N VAL A 353 -10.84 -17.25 31.91
CA VAL A 353 -11.88 -17.28 30.88
C VAL A 353 -11.91 -16.00 30.04
N ASN A 354 -11.56 -14.86 30.63
CA ASN A 354 -11.67 -13.59 29.90
C ASN A 354 -10.95 -13.56 28.56
N PRO A 355 -9.75 -14.11 28.38
CA PRO A 355 -9.16 -14.12 27.03
C PRO A 355 -9.89 -15.04 26.06
N LEU A 356 -10.61 -16.05 26.56
CA LEU A 356 -11.25 -17.00 25.67
C LEU A 356 -12.51 -16.43 25.03
N LEU A 357 -13.19 -15.48 25.67
CA LEU A 357 -14.42 -14.99 25.12
C LEU A 357 -14.23 -13.75 24.25
N TYR A 358 -13.64 -12.69 24.80
CA TYR A 358 -13.63 -11.44 24.03
C TYR A 358 -12.54 -11.40 22.94
N PRO A 359 -11.23 -11.53 23.25
CA PRO A 359 -10.25 -11.53 22.15
C PRO A 359 -10.47 -12.60 21.11
N LEU A 360 -10.89 -13.79 21.50
CA LEU A 360 -10.87 -14.93 20.58
C LEU A 360 -12.12 -15.05 19.74
N CYS A 361 -13.16 -14.29 20.03
CA CYS A 361 -14.36 -14.29 19.20
C CYS A 361 -14.31 -13.26 18.09
N HIS A 362 -13.48 -12.22 18.23
CA HIS A 362 -13.31 -11.23 17.18
C HIS A 362 -12.59 -11.85 15.99
N LYS A 363 -12.66 -11.19 14.85
CA LYS A 363 -12.11 -11.76 13.62
C LYS A 363 -10.77 -11.16 13.21
N ARG A 364 -10.54 -9.87 13.45
CA ARG A 364 -9.23 -9.30 13.20
C ARG A 364 -8.17 -10.00 14.04
N PHE A 365 -8.46 -10.21 15.33
CA PHE A 365 -7.53 -10.91 16.19
C PHE A 365 -7.35 -12.35 15.74
N GLN A 366 -8.41 -12.98 15.24
CA GLN A 366 -8.28 -14.36 14.75
C GLN A 366 -7.34 -14.42 13.55
N LYS A 367 -7.47 -13.49 12.61
CA LYS A 367 -6.56 -13.46 11.48
C LYS A 367 -5.13 -13.21 11.92
N ALA A 368 -4.93 -12.27 12.86
CA ALA A 368 -3.60 -12.01 13.36
C ALA A 368 -2.99 -13.25 13.99
N PHE A 369 -3.78 -14.00 14.76
CA PHE A 369 -3.29 -15.24 15.35
C PHE A 369 -2.92 -16.25 14.28
N LEU A 370 -3.76 -16.37 13.25
CA LEU A 370 -3.47 -17.33 12.18
C LEU A 370 -2.19 -16.98 11.43
N LYS A 371 -1.86 -15.70 11.33
CA LYS A 371 -0.61 -15.31 10.67
C LYS A 371 0.61 -15.79 11.43
N ILE A 372 0.47 -16.19 12.68
CA ILE A 372 1.60 -16.63 13.49
C ILE A 372 1.55 -18.14 13.70
N CYS B 3 25.52 6.15 15.03
CA CYS B 3 25.27 5.11 14.04
C CYS B 3 26.20 5.26 12.86
N THR B 4 26.33 4.21 12.06
CA THR B 4 27.21 4.20 10.89
C THR B 4 26.55 4.81 9.67
N LEU B 5 26.10 6.04 9.76
CA LEU B 5 25.50 6.77 8.66
C LEU B 5 26.08 8.17 8.59
N SER B 6 25.98 8.78 7.41
CA SER B 6 26.38 10.16 7.23
C SER B 6 25.24 11.08 7.63
N ALA B 7 25.35 12.37 7.32
CA ALA B 7 24.27 13.31 7.64
C ALA B 7 23.21 13.36 6.55
N GLU B 8 23.64 13.22 5.30
CA GLU B 8 22.71 13.19 4.18
C GLU B 8 21.77 11.99 4.27
N ASP B 9 22.28 10.85 4.73
CA ASP B 9 21.43 9.68 4.86
C ASP B 9 20.40 9.87 5.97
N LYS B 10 20.77 10.56 7.04
CA LYS B 10 19.79 10.85 8.09
C LYS B 10 18.71 11.80 7.58
N ALA B 11 19.09 12.76 6.73
CA ALA B 11 18.06 13.61 6.11
C ALA B 11 17.11 12.80 5.24
N ALA B 12 17.66 11.83 4.49
CA ALA B 12 16.82 10.95 3.68
C ALA B 12 15.82 10.18 4.56
N VAL B 13 16.29 9.67 5.71
CA VAL B 13 15.41 8.93 6.60
C VAL B 13 14.28 9.81 7.11
N GLU B 14 14.59 11.06 7.46
CA GLU B 14 13.54 11.99 7.85
C GLU B 14 12.50 12.14 6.74
N ARG B 15 12.96 12.26 5.50
CA ARG B 15 12.04 12.38 4.37
C ARG B 15 11.10 11.17 4.29
N SER B 16 11.66 9.97 4.43
CA SER B 16 10.83 8.76 4.36
C SER B 16 9.77 8.74 5.44
N LYS B 17 10.14 9.13 6.66
CA LYS B 17 9.16 9.13 7.74
C LYS B 17 8.02 10.12 7.47
N MET B 18 8.34 11.29 6.92
CA MET B 18 7.27 12.22 6.58
C MET B 18 6.33 11.64 5.54
N ILE B 19 6.87 10.97 4.52
CA ILE B 19 6.03 10.36 3.50
C ILE B 19 5.10 9.33 4.13
N ASP B 20 5.63 8.51 5.04
CA ASP B 20 4.81 7.49 5.70
C ASP B 20 3.67 8.13 6.49
N ARG B 21 3.96 9.20 7.22
CA ARG B 21 2.91 9.88 7.98
C ARG B 21 1.77 10.33 7.06
N ASN B 22 2.13 10.94 5.92
CA ASN B 22 1.09 11.43 5.02
C ASN B 22 0.27 10.29 4.42
N LEU B 23 0.92 9.19 4.03
CA LEU B 23 0.19 8.04 3.51
C LEU B 23 -0.83 7.54 4.52
N ARG B 24 -0.43 7.41 5.78
CA ARG B 24 -1.36 6.90 6.79
C ARG B 24 -2.53 7.85 7.01
N GLU B 25 -2.27 9.17 7.02
CA GLU B 25 -3.39 10.09 7.17
C GLU B 25 -4.40 9.96 6.04
N ASP B 26 -3.92 9.86 4.80
CA ASP B 26 -4.85 9.72 3.68
C ASP B 26 -5.60 8.39 3.72
N GLY B 27 -4.92 7.31 4.14
CA GLY B 27 -5.59 6.03 4.25
C GLY B 27 -6.66 5.99 5.31
N GLU B 28 -6.45 6.70 6.44
CA GLU B 28 -7.53 6.86 7.41
C GLU B 28 -8.68 7.65 6.81
N LYS B 29 -8.38 8.73 6.08
CA LYS B 29 -9.43 9.60 5.59
C LYS B 29 -10.32 8.90 4.56
N ALA B 30 -9.74 8.06 3.70
CA ALA B 30 -10.49 7.51 2.58
C ALA B 30 -11.19 6.19 2.89
N ALA B 31 -11.54 5.93 4.14
CA ALA B 31 -12.27 4.72 4.53
C ALA B 31 -13.52 5.01 5.34
N ARG B 32 -14.01 6.25 5.30
CA ARG B 32 -15.21 6.64 6.01
C ARG B 32 -16.38 6.95 5.08
N GLU B 33 -16.27 6.57 3.81
CA GLU B 33 -17.27 6.92 2.82
C GLU B 33 -17.91 5.68 2.25
N VAL B 34 -19.19 5.81 1.87
CA VAL B 34 -19.98 4.68 1.39
C VAL B 34 -19.82 4.62 -0.12
N LYS B 35 -19.41 3.46 -0.62
CA LYS B 35 -19.23 3.23 -2.04
C LYS B 35 -20.37 2.39 -2.57
N LEU B 36 -20.97 2.82 -3.68
CA LEU B 36 -22.08 2.12 -4.30
C LEU B 36 -21.76 1.85 -5.76
N LEU B 37 -22.10 0.67 -6.23
CA LEU B 37 -21.92 0.31 -7.64
C LEU B 37 -23.28 0.25 -8.31
N LEU B 38 -23.44 0.95 -9.44
CA LEU B 38 -24.74 1.07 -10.09
C LEU B 38 -24.80 0.20 -11.34
N LEU B 39 -25.89 -0.54 -11.50
CA LEU B 39 -26.04 -1.50 -12.60
C LEU B 39 -27.47 -1.50 -13.12
N GLY B 40 -27.62 -1.90 -14.37
CA GLY B 40 -28.92 -1.94 -15.00
C GLY B 40 -28.82 -2.59 -16.36
N ALA B 41 -29.90 -2.46 -17.11
CA ALA B 41 -29.98 -2.98 -18.47
C ALA B 41 -30.18 -1.84 -19.45
N GLY B 42 -30.36 -2.18 -20.73
CA GLY B 42 -30.62 -1.15 -21.73
C GLY B 42 -32.01 -0.58 -21.58
N GLU B 43 -32.11 0.75 -21.60
CA GLU B 43 -33.37 1.47 -21.37
C GLU B 43 -34.00 1.05 -20.04
N SER B 44 -33.16 0.88 -19.02
CA SER B 44 -33.63 0.49 -17.69
C SER B 44 -34.21 1.66 -16.91
N GLY B 45 -34.11 2.88 -17.42
CA GLY B 45 -34.60 4.04 -16.69
C GLY B 45 -33.72 4.50 -15.57
N LYS B 46 -32.43 4.14 -15.58
CA LYS B 46 -31.52 4.55 -14.53
C LYS B 46 -30.94 5.93 -14.75
N SER B 47 -31.26 6.58 -15.87
CA SER B 47 -30.92 8.00 -16.01
C SER B 47 -31.65 8.81 -14.94
N THR B 48 -32.93 8.49 -14.72
CA THR B 48 -33.68 9.14 -13.63
C THR B 48 -33.07 8.82 -12.29
N ILE B 49 -32.59 7.58 -12.11
CA ILE B 49 -31.95 7.21 -10.84
C ILE B 49 -30.70 8.04 -10.61
N VAL B 50 -29.90 8.22 -11.65
CA VAL B 50 -28.69 9.04 -11.51
C VAL B 50 -29.06 10.49 -11.22
N LYS B 51 -30.02 11.04 -11.97
CA LYS B 51 -30.35 12.45 -11.85
C LYS B 51 -30.96 12.77 -10.49
N GLN B 52 -31.98 12.01 -10.09
CA GLN B 52 -32.70 12.32 -8.86
C GLN B 52 -31.84 12.18 -7.61
N MET B 53 -30.77 11.39 -7.67
CA MET B 53 -29.88 11.21 -6.52
C MET B 53 -28.85 12.35 -6.45
N LYS B 54 -29.39 13.55 -6.21
CA LYS B 54 -28.60 14.77 -6.03
C LYS B 54 -27.68 15.06 -7.22
N THR B 182 -15.26 9.22 -21.58
CA THR B 182 -15.80 7.86 -21.56
C THR B 182 -15.28 7.07 -20.36
N GLY B 183 -15.40 5.75 -20.42
CA GLY B 183 -14.96 4.92 -19.33
C GLY B 183 -15.90 4.98 -18.14
N ILE B 184 -15.34 4.81 -16.95
CA ILE B 184 -16.13 4.85 -15.73
C ILE B 184 -16.54 6.28 -15.44
N VAL B 185 -17.72 6.46 -14.84
CA VAL B 185 -18.22 7.77 -14.45
C VAL B 185 -18.56 7.74 -12.97
N GLU B 186 -17.88 8.57 -12.19
CA GLU B 186 -18.03 8.57 -10.74
C GLU B 186 -18.73 9.84 -10.28
N THR B 187 -19.65 9.70 -9.33
CA THR B 187 -20.34 10.87 -8.79
C THR B 187 -20.31 10.83 -7.27
N HIS B 188 -20.36 12.02 -6.67
CA HIS B 188 -20.24 12.20 -5.23
C HIS B 188 -21.41 13.02 -4.72
N PHE B 189 -21.85 12.72 -3.51
CA PHE B 189 -22.80 13.60 -2.82
C PHE B 189 -22.74 13.31 -1.33
N THR B 190 -23.50 14.10 -0.55
CA THR B 190 -23.58 13.92 0.89
C THR B 190 -25.04 13.91 1.31
N PHE B 191 -25.30 13.18 2.40
CA PHE B 191 -26.65 13.12 2.95
C PHE B 191 -26.55 12.66 4.40
N LYS B 192 -27.14 13.45 5.31
CA LYS B 192 -27.19 13.13 6.73
C LYS B 192 -25.82 12.86 7.32
N ASP B 193 -24.81 13.62 6.88
CA ASP B 193 -23.42 13.50 7.31
C ASP B 193 -22.75 12.23 6.81
N LEU B 194 -23.24 11.63 5.74
CA LEU B 194 -22.56 10.53 5.08
C LEU B 194 -22.14 10.96 3.68
N HIS B 195 -20.98 10.47 3.24
CA HIS B 195 -20.40 10.81 1.95
C HIS B 195 -20.54 9.61 1.03
N PHE B 196 -21.36 9.75 -0.02
CA PHE B 196 -21.63 8.68 -0.96
C PHE B 196 -20.84 8.90 -2.25
N LYS B 197 -20.16 7.87 -2.70
CA LYS B 197 -19.58 7.81 -4.05
C LYS B 197 -20.27 6.69 -4.81
N MET B 198 -20.89 7.01 -5.94
CA MET B 198 -21.56 5.99 -6.74
C MET B 198 -20.91 5.92 -8.11
N PHE B 199 -20.60 4.70 -8.55
CA PHE B 199 -19.87 4.47 -9.79
C PHE B 199 -20.83 3.90 -10.84
N ASP B 200 -20.91 4.58 -11.98
CA ASP B 200 -21.66 4.13 -13.15
C ASP B 200 -20.66 3.59 -14.17
N VAL B 201 -20.88 2.37 -14.61
CA VAL B 201 -19.93 1.67 -15.47
C VAL B 201 -20.61 1.14 -16.72
N GLY B 202 -21.70 1.78 -17.15
CA GLY B 202 -22.46 1.28 -18.28
C GLY B 202 -21.79 1.45 -19.62
N ALA B 203 -20.82 2.34 -19.73
CA ALA B 203 -20.18 2.62 -21.01
C ALA B 203 -19.09 1.63 -21.38
N GLN B 204 -18.63 0.80 -20.44
CA GLN B 204 -17.68 -0.24 -20.79
C GLN B 204 -18.35 -1.30 -21.65
N ARG B 205 -17.69 -1.68 -22.74
CA ARG B 205 -18.24 -2.61 -23.71
C ARG B 205 -17.39 -3.87 -23.83
N SER B 206 -16.96 -4.42 -22.69
CA SER B 206 -16.11 -5.59 -22.68
C SER B 206 -16.70 -6.65 -21.76
N GLU B 207 -16.10 -7.84 -21.77
CA GLU B 207 -16.57 -8.94 -20.95
C GLU B 207 -16.24 -8.65 -19.48
N ARG B 208 -17.23 -8.88 -18.61
CA ARG B 208 -17.10 -8.50 -17.20
C ARG B 208 -16.12 -9.37 -16.44
N LYS B 209 -15.73 -10.53 -16.97
CA LYS B 209 -14.85 -11.41 -16.22
C LYS B 209 -13.47 -10.79 -16.00
N LYS B 210 -13.03 -9.93 -16.90
CA LYS B 210 -11.70 -9.33 -16.82
C LYS B 210 -11.68 -8.05 -15.98
N TRP B 211 -12.84 -7.63 -15.51
CA TRP B 211 -13.03 -6.28 -15.01
C TRP B 211 -13.80 -6.20 -13.69
N ILE B 212 -14.55 -7.21 -13.30
CA ILE B 212 -15.46 -7.09 -12.17
C ILE B 212 -14.79 -7.35 -10.83
N HIS B 213 -13.63 -7.99 -10.82
CA HIS B 213 -13.01 -8.36 -9.54
C HIS B 213 -12.54 -7.14 -8.76
N CYS B 214 -12.39 -5.99 -9.40
CA CYS B 214 -11.85 -4.82 -8.73
C CYS B 214 -12.91 -4.02 -8.00
N PHE B 215 -14.17 -4.46 -8.02
CA PHE B 215 -15.23 -3.88 -7.21
C PHE B 215 -15.60 -4.78 -6.03
N GLU B 216 -14.69 -5.67 -5.64
CA GLU B 216 -15.01 -6.70 -4.66
C GLU B 216 -15.37 -6.11 -3.31
N GLY B 217 -14.67 -5.07 -2.87
CA GLY B 217 -14.88 -4.55 -1.54
C GLY B 217 -15.98 -3.52 -1.40
N VAL B 218 -16.82 -3.34 -2.41
CA VAL B 218 -17.81 -2.27 -2.36
C VAL B 218 -18.88 -2.62 -1.33
N THR B 219 -19.59 -1.60 -0.87
CA THR B 219 -20.57 -1.77 0.21
C THR B 219 -21.94 -2.23 -0.27
N ALA B 220 -22.40 -1.76 -1.44
CA ALA B 220 -23.70 -2.20 -1.94
C ALA B 220 -23.80 -2.00 -3.44
N ILE B 221 -24.75 -2.73 -4.02
CA ILE B 221 -25.03 -2.69 -5.45
C ILE B 221 -26.44 -2.19 -5.64
N ILE B 222 -26.62 -1.18 -6.49
CA ILE B 222 -27.94 -0.72 -6.89
C ILE B 222 -28.24 -1.31 -8.25
N PHE B 223 -29.45 -1.83 -8.42
CA PHE B 223 -29.85 -2.53 -9.63
C PHE B 223 -31.16 -1.93 -10.13
N CYS B 224 -31.21 -1.55 -11.41
CA CYS B 224 -32.38 -0.90 -11.96
C CYS B 224 -33.08 -1.78 -13.01
N VAL B 225 -34.40 -1.84 -12.93
CA VAL B 225 -35.23 -2.53 -13.92
C VAL B 225 -36.44 -1.66 -14.24
N ALA B 226 -37.17 -2.05 -15.29
CA ALA B 226 -38.32 -1.31 -15.77
C ALA B 226 -39.53 -2.22 -15.81
N LEU B 227 -40.65 -1.77 -15.22
CA LEU B 227 -41.85 -2.57 -15.17
C LEU B 227 -42.67 -2.47 -16.44
N SER B 228 -42.60 -1.34 -17.14
CA SER B 228 -43.45 -1.12 -18.31
C SER B 228 -43.13 -2.05 -19.47
N ASP B 229 -41.95 -2.68 -19.45
CA ASP B 229 -41.49 -3.49 -20.58
C ASP B 229 -41.72 -4.97 -20.35
N TYR B 230 -42.82 -5.35 -19.72
CA TYR B 230 -43.11 -6.74 -19.41
C TYR B 230 -43.57 -7.54 -20.62
N ASP B 231 -43.75 -6.90 -21.77
CA ASP B 231 -44.24 -7.58 -22.96
C ASP B 231 -43.47 -7.27 -24.24
N LEU B 232 -42.50 -6.34 -24.18
CA LEU B 232 -41.76 -5.97 -25.37
C LEU B 232 -40.82 -7.09 -25.78
N VAL B 233 -40.26 -6.97 -26.99
CA VAL B 233 -39.39 -7.97 -27.56
C VAL B 233 -38.13 -7.29 -28.09
N LEU B 234 -36.97 -7.88 -27.79
CA LEU B 234 -35.70 -7.43 -28.34
C LEU B 234 -35.27 -8.22 -29.57
N MET B 240 -35.16 -13.01 -25.78
CA MET B 240 -36.36 -12.74 -26.55
C MET B 240 -37.16 -11.60 -25.91
N ASN B 241 -37.54 -11.79 -24.65
CA ASN B 241 -38.24 -10.75 -23.90
C ASN B 241 -37.23 -9.89 -23.14
N ARG B 242 -37.61 -8.62 -22.93
CA ARG B 242 -36.77 -7.75 -22.11
C ARG B 242 -36.71 -8.24 -20.67
N MET B 243 -37.86 -8.61 -20.11
CA MET B 243 -37.91 -9.01 -18.71
C MET B 243 -37.11 -10.28 -18.48
N HIS B 244 -37.17 -11.23 -19.40
CA HIS B 244 -36.42 -12.48 -19.23
C HIS B 244 -34.93 -12.21 -19.16
N GLU B 245 -34.40 -11.40 -20.08
CA GLU B 245 -32.98 -11.09 -20.05
C GLU B 245 -32.60 -10.29 -18.81
N SER B 246 -33.50 -9.42 -18.34
CA SER B 246 -33.24 -8.72 -17.09
C SER B 246 -33.12 -9.69 -15.93
N MET B 247 -33.99 -10.70 -15.89
CA MET B 247 -33.88 -11.72 -14.84
C MET B 247 -32.59 -12.51 -14.96
N LYS B 248 -32.17 -12.85 -16.19
CA LYS B 248 -30.89 -13.56 -16.32
C LYS B 248 -29.72 -12.71 -15.83
N LEU B 249 -29.72 -11.40 -16.13
CA LEU B 249 -28.65 -10.55 -15.61
C LEU B 249 -28.67 -10.49 -14.09
N PHE B 250 -29.86 -10.35 -13.50
CA PHE B 250 -29.96 -10.30 -12.04
C PHE B 250 -29.46 -11.58 -11.42
N ASP B 251 -29.81 -12.73 -12.00
CA ASP B 251 -29.31 -14.00 -11.50
C ASP B 251 -27.80 -14.08 -11.65
N SER B 252 -27.27 -13.50 -12.74
CA SER B 252 -25.83 -13.57 -12.96
C SER B 252 -25.06 -12.81 -11.90
N ILE B 253 -25.52 -11.62 -11.51
CA ILE B 253 -24.77 -10.84 -10.51
C ILE B 253 -25.28 -11.02 -9.10
N CYS B 254 -26.31 -11.82 -8.87
CA CYS B 254 -26.79 -12.03 -7.50
C CYS B 254 -26.14 -13.24 -6.85
N ASN B 255 -25.49 -14.10 -7.62
CA ASN B 255 -24.89 -15.33 -7.11
C ASN B 255 -23.41 -15.44 -7.45
N ASN B 256 -22.77 -14.32 -7.76
CA ASN B 256 -21.37 -14.35 -8.14
C ASN B 256 -20.48 -14.49 -6.91
N LYS B 257 -19.30 -15.07 -7.11
CA LYS B 257 -18.44 -15.41 -5.98
C LYS B 257 -17.72 -14.20 -5.38
N TRP B 258 -17.59 -13.10 -6.12
CA TRP B 258 -17.01 -11.90 -5.56
C TRP B 258 -18.00 -11.13 -4.68
N PHE B 259 -19.29 -11.41 -4.81
CA PHE B 259 -20.30 -10.67 -4.07
C PHE B 259 -21.13 -11.60 -3.17
N THR B 260 -20.49 -12.49 -2.45
CA THR B 260 -21.22 -13.41 -1.58
C THR B 260 -21.68 -12.78 -0.28
N ASP B 261 -21.17 -11.59 0.08
CA ASP B 261 -21.50 -10.97 1.35
C ASP B 261 -22.07 -9.56 1.19
N THR B 262 -22.30 -9.10 -0.03
CA THR B 262 -22.77 -7.75 -0.30
C THR B 262 -24.25 -7.80 -0.65
N SER B 263 -25.06 -7.05 0.09
CA SER B 263 -26.49 -7.01 -0.16
C SER B 263 -26.79 -6.16 -1.40
N ILE B 264 -28.02 -6.27 -1.88
CA ILE B 264 -28.42 -5.70 -3.16
C ILE B 264 -29.66 -4.85 -2.96
N ILE B 265 -29.66 -3.65 -3.52
CA ILE B 265 -30.83 -2.77 -3.53
C ILE B 265 -31.47 -2.85 -4.91
N LEU B 266 -32.79 -2.97 -4.95
CA LEU B 266 -33.52 -3.14 -6.20
C LEU B 266 -34.52 -2.02 -6.38
N PHE B 267 -34.58 -1.46 -7.59
CA PHE B 267 -35.47 -0.36 -7.93
C PHE B 267 -36.38 -0.80 -9.06
N LEU B 268 -37.68 -0.59 -8.90
CA LEU B 268 -38.67 -0.90 -9.94
C LEU B 268 -39.18 0.40 -10.53
N ASN B 269 -38.95 0.60 -11.83
CA ASN B 269 -39.18 1.87 -12.50
C ASN B 269 -40.39 1.83 -13.41
N LYS B 270 -40.87 3.03 -13.75
CA LYS B 270 -41.89 3.24 -14.77
C LYS B 270 -43.17 2.44 -14.48
N LYS B 271 -43.65 2.55 -13.25
CA LYS B 271 -44.84 1.81 -12.86
C LYS B 271 -46.12 2.42 -13.43
N ASP B 272 -46.11 3.70 -13.79
CA ASP B 272 -47.33 4.35 -14.27
C ASP B 272 -47.73 3.85 -15.65
N LEU B 273 -46.78 3.79 -16.58
CA LEU B 273 -47.09 3.21 -17.89
C LEU B 273 -47.49 1.76 -17.77
N PHE B 274 -46.91 1.03 -16.83
CA PHE B 274 -47.33 -0.35 -16.57
C PHE B 274 -48.78 -0.40 -16.12
N GLU B 275 -49.16 0.51 -15.21
CA GLU B 275 -50.55 0.56 -14.75
C GLU B 275 -51.51 0.90 -15.89
N GLU B 276 -51.09 1.75 -16.82
CA GLU B 276 -51.95 2.07 -17.95
C GLU B 276 -52.01 0.93 -18.96
N LYS B 277 -50.94 0.16 -19.12
CA LYS B 277 -50.90 -0.89 -20.13
C LYS B 277 -51.66 -2.15 -19.72
N ILE B 278 -51.75 -2.44 -18.42
CA ILE B 278 -52.36 -3.69 -17.98
C ILE B 278 -53.84 -3.74 -18.33
N LYS B 279 -54.47 -2.59 -18.55
CA LYS B 279 -55.87 -2.57 -18.91
C LYS B 279 -56.13 -3.15 -20.30
N LYS B 280 -55.07 -3.37 -21.09
CA LYS B 280 -55.20 -3.86 -22.46
C LYS B 280 -54.67 -5.27 -22.65
N SER B 281 -53.54 -5.63 -22.04
CA SER B 281 -52.93 -6.93 -22.24
C SER B 281 -52.71 -7.60 -20.88
N PRO B 282 -53.04 -8.87 -20.73
CA PRO B 282 -52.80 -9.55 -19.46
C PRO B 282 -51.34 -9.97 -19.30
N LEU B 283 -50.98 -10.36 -18.08
CA LEU B 283 -49.63 -10.82 -17.79
C LEU B 283 -49.33 -12.17 -18.42
N THR B 284 -50.34 -12.89 -18.89
CA THR B 284 -50.12 -14.21 -19.47
C THR B 284 -49.24 -14.14 -20.72
N ILE B 285 -49.12 -12.97 -21.34
CA ILE B 285 -48.26 -12.82 -22.50
C ILE B 285 -46.81 -13.08 -22.13
N CYS B 286 -46.45 -12.86 -20.86
CA CYS B 286 -45.10 -13.15 -20.38
C CYS B 286 -45.07 -14.16 -19.25
N TYR B 287 -46.18 -14.36 -18.54
CA TYR B 287 -46.27 -15.34 -17.46
C TYR B 287 -47.47 -16.24 -17.76
N PRO B 288 -47.29 -17.24 -18.62
CA PRO B 288 -48.42 -18.11 -18.98
C PRO B 288 -49.03 -18.84 -17.80
N GLU B 289 -48.24 -19.12 -16.76
CA GLU B 289 -48.72 -19.83 -15.59
C GLU B 289 -49.39 -18.92 -14.57
N TYR B 290 -49.29 -17.60 -14.73
CA TYR B 290 -49.95 -16.69 -13.82
C TYR B 290 -51.46 -16.77 -14.00
N ALA B 291 -52.17 -16.93 -12.89
CA ALA B 291 -53.62 -17.14 -12.90
C ALA B 291 -54.30 -16.25 -11.88
N GLY B 292 -53.91 -14.98 -11.85
CA GLY B 292 -54.53 -14.05 -10.92
C GLY B 292 -55.31 -12.96 -11.63
N SER B 293 -55.67 -11.91 -10.89
CA SER B 293 -56.39 -10.80 -11.48
C SER B 293 -55.49 -10.02 -12.44
N ASN B 294 -56.13 -9.29 -13.36
CA ASN B 294 -55.44 -8.34 -14.21
C ASN B 294 -55.48 -6.94 -13.57
N THR B 295 -55.03 -6.90 -12.31
CA THR B 295 -55.00 -5.67 -11.53
C THR B 295 -53.56 -5.30 -11.21
N TYR B 296 -53.37 -4.03 -10.86
CA TYR B 296 -52.03 -3.50 -10.68
C TYR B 296 -51.31 -4.16 -9.51
N GLU B 297 -51.99 -4.27 -8.35
CA GLU B 297 -51.33 -4.71 -7.13
C GLU B 297 -50.88 -6.17 -7.25
N GLU B 298 -51.75 -7.04 -7.74
CA GLU B 298 -51.37 -8.45 -7.88
C GLU B 298 -50.20 -8.61 -8.83
N ALA B 299 -50.21 -7.89 -9.95
CA ALA B 299 -49.12 -7.97 -10.92
C ALA B 299 -47.82 -7.51 -10.31
N ALA B 300 -47.85 -6.38 -9.60
CA ALA B 300 -46.63 -5.85 -9.00
C ALA B 300 -46.06 -6.81 -7.96
N ALA B 301 -46.93 -7.31 -7.08
CA ALA B 301 -46.46 -8.24 -6.06
C ALA B 301 -45.90 -9.51 -6.70
N TYR B 302 -46.57 -10.01 -7.73
CA TYR B 302 -46.08 -11.20 -8.43
C TYR B 302 -44.68 -10.97 -8.96
N ILE B 303 -44.48 -9.87 -9.69
CA ILE B 303 -43.18 -9.62 -10.32
C ILE B 303 -42.10 -9.46 -9.26
N GLN B 304 -42.41 -8.74 -8.19
CA GLN B 304 -41.44 -8.61 -7.09
C GLN B 304 -41.08 -9.98 -6.52
N CYS B 305 -42.05 -10.89 -6.45
CA CYS B 305 -41.75 -12.22 -5.92
C CYS B 305 -40.83 -13.01 -6.85
N GLN B 306 -41.06 -12.99 -8.16
CA GLN B 306 -40.10 -13.72 -8.99
C GLN B 306 -38.76 -13.01 -9.15
N PHE B 307 -38.62 -11.75 -8.74
CA PHE B 307 -37.24 -11.28 -8.56
C PHE B 307 -36.63 -11.75 -7.24
N GLU B 308 -37.33 -11.55 -6.12
CA GLU B 308 -36.75 -11.92 -4.83
C GLU B 308 -36.60 -13.42 -4.65
N ASP B 309 -37.16 -14.22 -5.55
CA ASP B 309 -37.01 -15.68 -5.45
C ASP B 309 -35.61 -16.13 -5.86
N LEU B 310 -34.91 -15.33 -6.65
CA LEU B 310 -33.68 -15.78 -7.29
C LEU B 310 -32.49 -15.87 -6.33
N ASN B 311 -32.64 -15.39 -5.09
CA ASN B 311 -31.54 -15.43 -4.14
C ASN B 311 -31.28 -16.88 -3.68
N LYS B 312 -30.02 -17.31 -3.75
CA LYS B 312 -29.62 -18.63 -3.29
C LYS B 312 -28.77 -18.57 -2.03
N ARG B 313 -28.64 -17.41 -1.41
CA ARG B 313 -27.80 -17.19 -0.24
C ARG B 313 -28.57 -16.41 0.81
N LYS B 314 -29.80 -16.85 1.10
CA LYS B 314 -30.68 -16.11 2.00
C LYS B 314 -30.12 -15.99 3.40
N ASP B 315 -29.18 -16.84 3.79
CA ASP B 315 -28.59 -16.77 5.12
C ASP B 315 -27.50 -15.72 5.23
N THR B 316 -26.97 -15.22 4.12
CA THR B 316 -25.84 -14.30 4.13
C THR B 316 -26.22 -12.88 3.74
N LYS B 317 -26.96 -12.69 2.65
CA LYS B 317 -27.27 -11.37 2.14
C LYS B 317 -28.77 -11.23 1.90
N GLU B 318 -29.27 -10.02 2.13
CA GLU B 318 -30.68 -9.72 1.91
C GLU B 318 -30.84 -8.91 0.62
N ILE B 319 -32.10 -8.73 0.22
CA ILE B 319 -32.44 -7.99 -0.99
C ILE B 319 -33.55 -7.01 -0.64
N TYR B 320 -33.33 -5.74 -0.92
CA TYR B 320 -34.31 -4.69 -0.66
C TYR B 320 -34.97 -4.27 -1.96
N THR B 321 -36.25 -3.89 -1.87
CA THR B 321 -37.02 -3.52 -3.05
C THR B 321 -37.76 -2.22 -2.79
N HIS B 322 -38.12 -1.54 -3.87
CA HIS B 322 -38.77 -0.25 -3.80
C HIS B 322 -39.45 0.04 -5.12
N PHE B 323 -40.62 0.65 -5.07
CA PHE B 323 -41.36 1.07 -6.25
C PHE B 323 -41.04 2.53 -6.52
N THR B 324 -40.28 2.79 -7.58
CA THR B 324 -39.67 4.09 -7.79
C THR B 324 -40.70 5.21 -7.88
N CYS B 325 -40.75 6.06 -6.86
CA CYS B 325 -41.55 7.27 -6.89
C CYS B 325 -40.72 8.40 -7.48
N SER B 326 -41.17 8.94 -8.62
CA SER B 326 -40.43 9.97 -9.34
C SER B 326 -40.97 11.36 -9.05
N THR B 327 -41.42 11.60 -7.82
CA THR B 327 -42.01 12.87 -7.43
C THR B 327 -41.17 13.65 -6.43
N ASP B 328 -40.59 12.98 -5.44
CA ASP B 328 -39.94 13.67 -4.34
C ASP B 328 -38.66 12.91 -3.99
N THR B 329 -38.09 13.19 -2.82
CA THR B 329 -36.80 12.67 -2.39
C THR B 329 -36.93 11.50 -1.44
N LYS B 330 -37.88 10.60 -1.69
CA LYS B 330 -37.97 9.36 -0.92
C LYS B 330 -36.90 8.35 -1.31
N ASN B 331 -36.38 8.46 -2.54
CA ASN B 331 -35.38 7.50 -3.02
C ASN B 331 -34.12 7.55 -2.16
N VAL B 332 -33.64 8.76 -1.86
CA VAL B 332 -32.43 8.90 -1.06
C VAL B 332 -32.66 8.37 0.35
N GLN B 333 -33.86 8.59 0.89
CA GLN B 333 -34.16 8.07 2.22
C GLN B 333 -34.14 6.56 2.23
N PHE B 334 -34.70 5.93 1.19
CA PHE B 334 -34.66 4.47 1.13
C PHE B 334 -33.23 3.96 1.08
N VAL B 335 -32.41 4.57 0.23
CA VAL B 335 -31.03 4.12 0.11
C VAL B 335 -30.28 4.30 1.43
N PHE B 336 -30.56 5.41 2.12
CA PHE B 336 -29.92 5.68 3.40
C PHE B 336 -30.29 4.65 4.45
N ASP B 337 -31.56 4.27 4.52
CA ASP B 337 -31.97 3.25 5.49
C ASP B 337 -31.34 1.90 5.17
N ALA B 338 -31.30 1.51 3.90
CA ALA B 338 -30.70 0.23 3.56
C ALA B 338 -29.21 0.21 3.91
N VAL B 339 -28.51 1.31 3.66
CA VAL B 339 -27.10 1.38 4.00
C VAL B 339 -26.88 1.29 5.50
N THR B 340 -27.75 1.96 6.28
CA THR B 340 -27.62 1.89 7.74
C THR B 340 -27.78 0.47 8.24
N ASP B 341 -28.75 -0.27 7.69
CA ASP B 341 -28.90 -1.67 8.08
C ASP B 341 -27.67 -2.49 7.72
N VAL B 342 -27.12 -2.26 6.52
CA VAL B 342 -25.92 -3.01 6.13
C VAL B 342 -24.80 -2.75 7.12
N ILE B 343 -24.61 -1.48 7.51
CA ILE B 343 -23.53 -1.12 8.43
C ILE B 343 -23.71 -1.84 9.77
N ILE B 344 -24.92 -1.78 10.33
CA ILE B 344 -25.17 -2.37 11.64
C ILE B 344 -24.90 -3.87 11.62
N LYS B 345 -25.44 -4.56 10.61
CA LYS B 345 -25.27 -6.00 10.58
C LYS B 345 -23.81 -6.39 10.33
N ASN B 346 -23.07 -5.59 9.56
CA ASN B 346 -21.65 -5.88 9.41
C ASN B 346 -20.91 -5.75 10.73
N ASN B 347 -21.19 -4.68 11.49
CA ASN B 347 -20.57 -4.52 12.80
C ASN B 347 -20.84 -5.73 13.68
N LEU B 348 -22.11 -6.15 13.78
CA LEU B 348 -22.41 -7.30 14.61
C LEU B 348 -21.74 -8.57 14.13
N LYS B 349 -21.65 -8.77 12.81
CA LYS B 349 -20.98 -9.96 12.30
C LYS B 349 -19.51 -10.00 12.69
N ASP B 350 -18.85 -8.84 12.66
CA ASP B 350 -17.40 -8.82 12.90
C ASP B 350 -17.04 -9.25 14.31
N CYS B 351 -17.82 -8.83 15.31
CA CYS B 351 -17.51 -9.11 16.71
C CYS B 351 -17.86 -10.52 17.12
N GLY B 352 -18.11 -11.41 16.17
CA GLY B 352 -18.43 -12.80 16.50
C GLY B 352 -19.72 -12.97 17.27
N LEU B 353 -20.56 -11.94 17.30
CA LEU B 353 -21.73 -11.93 18.15
C LEU B 353 -22.93 -12.53 17.43
N LEU C 9 -17.94 -15.10 -51.29
CA LEU C 9 -17.66 -15.53 -49.92
C LEU C 9 -17.20 -16.98 -49.88
N ASP C 10 -17.86 -17.86 -50.63
CA ASP C 10 -17.50 -19.28 -50.60
C ASP C 10 -16.09 -19.51 -51.11
N GLN C 11 -15.75 -18.92 -52.26
CA GLN C 11 -14.42 -19.10 -52.83
C GLN C 11 -13.35 -18.49 -51.93
N LEU C 12 -13.63 -17.31 -51.36
CA LEU C 12 -12.67 -16.67 -50.48
C LEU C 12 -12.43 -17.51 -49.22
N ARG C 13 -13.50 -18.06 -48.64
CA ARG C 13 -13.33 -18.90 -47.45
C ARG C 13 -12.59 -20.19 -47.80
N GLN C 14 -12.88 -20.77 -48.96
CA GLN C 14 -12.16 -21.97 -49.37
C GLN C 14 -10.68 -21.69 -49.56
N GLU C 15 -10.34 -20.55 -50.18
CA GLU C 15 -8.94 -20.20 -50.35
C GLU C 15 -8.27 -19.91 -49.01
N ALA C 16 -9.02 -19.32 -48.07
CA ALA C 16 -8.47 -19.11 -46.73
C ALA C 16 -8.18 -20.45 -46.05
N GLU C 17 -9.07 -21.42 -46.21
CA GLU C 17 -8.84 -22.75 -45.67
C GLU C 17 -7.61 -23.39 -46.32
N GLN C 18 -7.46 -23.23 -47.64
CA GLN C 18 -6.29 -23.76 -48.33
C GLN C 18 -5.01 -23.12 -47.82
N LEU C 19 -5.04 -21.81 -47.60
CA LEU C 19 -3.86 -21.11 -47.08
C LEU C 19 -3.53 -21.58 -45.66
N LYS C 20 -4.56 -21.80 -44.85
CA LYS C 20 -4.32 -22.32 -43.50
C LYS C 20 -3.72 -23.72 -43.55
N ASN C 21 -4.18 -24.55 -44.49
CA ASN C 21 -3.56 -25.86 -44.68
C ASN C 21 -2.10 -25.72 -45.09
N GLN C 22 -1.80 -24.77 -45.97
CA GLN C 22 -0.42 -24.53 -46.35
C GLN C 22 0.43 -24.13 -45.15
N ILE C 23 -0.11 -23.25 -44.30
CA ILE C 23 0.64 -22.80 -43.13
C ILE C 23 0.87 -23.94 -42.16
N ARG C 24 -0.17 -24.75 -41.90
CA ARG C 24 -0.02 -25.87 -40.97
C ARG C 24 0.98 -26.89 -41.50
N ASP C 25 0.96 -27.14 -42.81
CA ASP C 25 1.90 -28.11 -43.38
C ASP C 25 3.32 -27.58 -43.38
N ALA C 26 3.48 -26.28 -43.62
CA ALA C 26 4.81 -25.68 -43.52
C ALA C 26 5.35 -25.78 -42.11
N ARG C 27 4.50 -25.51 -41.11
CA ARG C 27 4.94 -25.61 -39.72
C ARG C 27 5.30 -27.05 -39.36
N LYS C 28 4.52 -28.01 -39.83
CA LYS C 28 4.76 -29.40 -39.49
C LYS C 28 5.85 -30.04 -40.36
N ALA C 29 6.32 -29.34 -41.38
CA ALA C 29 7.28 -29.94 -42.31
C ALA C 29 8.66 -30.09 -41.67
N CYS C 30 9.15 -29.07 -40.98
CA CYS C 30 10.52 -29.06 -40.48
C CYS C 30 10.64 -29.53 -39.04
N ALA C 31 9.54 -29.98 -38.43
CA ALA C 31 9.56 -30.44 -37.04
C ALA C 31 10.23 -31.80 -36.99
N ASP C 32 11.56 -31.79 -36.97
CA ASP C 32 12.35 -33.01 -36.97
C ASP C 32 12.74 -33.45 -35.56
N ALA C 33 13.06 -32.52 -34.68
CA ALA C 33 13.49 -32.86 -33.33
C ALA C 33 12.85 -31.89 -32.35
N THR C 34 12.76 -32.33 -31.10
CA THR C 34 12.17 -31.54 -30.02
C THR C 34 13.21 -31.30 -28.94
N LEU C 35 12.88 -30.41 -28.01
CA LEU C 35 13.81 -30.08 -26.93
C LEU C 35 14.10 -31.29 -26.05
N SER C 36 13.05 -32.02 -25.67
CA SER C 36 13.19 -33.07 -24.66
C SER C 36 14.14 -34.17 -25.10
N GLN C 37 14.38 -34.35 -26.39
CA GLN C 37 15.24 -35.42 -26.86
C GLN C 37 16.71 -35.04 -26.86
N ILE C 38 17.05 -33.75 -26.76
CA ILE C 38 18.43 -33.30 -26.85
C ILE C 38 18.86 -32.45 -25.65
N THR C 39 17.97 -32.19 -24.70
CA THR C 39 18.34 -31.50 -23.47
C THR C 39 18.80 -32.45 -22.36
N ASN C 40 18.83 -33.75 -22.62
CA ASN C 40 19.23 -34.73 -21.62
C ASN C 40 20.73 -34.80 -21.40
N ASN C 41 21.48 -33.81 -21.89
CA ASN C 41 22.93 -33.78 -21.77
C ASN C 41 23.42 -32.72 -20.80
N ILE C 42 22.55 -32.26 -19.90
CA ILE C 42 22.87 -31.19 -18.97
C ILE C 42 22.51 -31.63 -17.56
N ASP C 43 23.36 -31.25 -16.60
CA ASP C 43 23.04 -31.49 -15.20
C ASP C 43 21.86 -30.61 -14.77
N PRO C 44 20.95 -31.12 -13.96
CA PRO C 44 19.93 -30.25 -13.35
C PRO C 44 20.54 -29.25 -12.39
N VAL C 45 19.87 -28.11 -12.25
CA VAL C 45 20.38 -27.05 -11.37
C VAL C 45 20.38 -27.49 -9.92
N GLY C 46 19.39 -28.26 -9.50
CA GLY C 46 19.28 -28.64 -8.11
C GLY C 46 18.28 -27.78 -7.38
N ARG C 47 18.11 -28.07 -6.10
CA ARG C 47 17.16 -27.33 -5.27
C ARG C 47 17.63 -25.89 -5.14
N ILE C 48 16.71 -24.95 -5.35
CA ILE C 48 16.99 -23.53 -5.29
C ILE C 48 16.20 -22.92 -4.15
N GLN C 49 16.90 -22.25 -3.24
CA GLN C 49 16.26 -21.65 -2.07
C GLN C 49 16.58 -20.16 -2.05
N MET C 50 15.55 -19.35 -1.79
CA MET C 50 15.69 -17.91 -1.73
C MET C 50 15.04 -17.42 -0.45
N ARG C 51 15.55 -16.31 0.06
CA ARG C 51 15.12 -15.79 1.35
C ARG C 51 14.76 -14.32 1.23
N THR C 52 13.70 -13.93 1.91
CA THR C 52 13.32 -12.53 1.97
C THR C 52 14.43 -11.72 2.60
N ARG C 53 15.04 -10.82 1.82
CA ARG C 53 16.09 -9.96 2.34
C ARG C 53 15.56 -8.62 2.85
N ARG C 54 14.60 -8.01 2.14
CA ARG C 54 13.96 -6.80 2.59
C ARG C 54 12.46 -6.96 2.42
N THR C 55 11.69 -6.15 3.15
CA THR C 55 10.25 -6.13 3.00
C THR C 55 9.77 -4.69 3.02
N LEU C 56 9.01 -4.31 1.99
CA LEU C 56 8.60 -2.94 1.75
C LEU C 56 7.12 -2.81 2.10
N ARG C 57 6.79 -1.89 3.01
CA ARG C 57 5.42 -1.73 3.49
C ARG C 57 4.96 -0.30 3.25
N GLY C 58 3.64 -0.13 3.16
CA GLY C 58 3.08 1.19 3.00
C GLY C 58 1.86 1.31 2.12
N HIS C 59 1.69 0.40 1.16
CA HIS C 59 0.44 0.37 0.41
C HIS C 59 -0.69 -0.18 1.28
N LEU C 60 -1.93 0.18 0.94
CA LEU C 60 -3.08 -0.25 1.73
C LEU C 60 -4.04 -1.18 1.01
N ALA C 61 -4.27 -1.01 -0.29
CA ALA C 61 -5.11 -1.90 -1.07
C ALA C 61 -4.24 -2.85 -1.89
N LYS C 62 -4.87 -3.58 -2.81
CA LYS C 62 -4.15 -4.53 -3.65
C LYS C 62 -3.14 -3.81 -4.54
N ILE C 63 -2.13 -4.56 -4.97
CA ILE C 63 -1.03 -4.04 -5.80
C ILE C 63 -1.14 -4.67 -7.18
N TYR C 64 -1.05 -3.84 -8.22
CA TYR C 64 -1.39 -4.32 -9.56
C TYR C 64 -0.22 -4.35 -10.54
N ALA C 65 0.87 -3.62 -10.30
CA ALA C 65 2.01 -3.66 -11.20
C ALA C 65 3.23 -3.02 -10.54
N MET C 66 4.40 -3.30 -11.11
CA MET C 66 5.65 -2.66 -10.70
C MET C 66 6.65 -2.80 -11.86
N HIS C 67 7.74 -2.03 -11.77
CA HIS C 67 8.74 -2.01 -12.84
C HIS C 67 10.08 -1.54 -12.27
N TRP C 68 11.15 -2.28 -12.57
CA TRP C 68 12.50 -1.96 -12.12
C TRP C 68 13.09 -0.81 -12.92
N GLY C 69 13.96 -0.05 -12.26
CA GLY C 69 14.78 0.91 -12.97
C GLY C 69 15.95 0.24 -13.67
N THR C 70 16.69 1.03 -14.44
CA THR C 70 17.84 0.49 -15.16
C THR C 70 19.13 0.55 -14.35
N ASP C 71 19.16 1.28 -13.24
CA ASP C 71 20.29 1.24 -12.33
C ASP C 71 20.15 0.13 -11.30
N SER C 72 19.05 -0.61 -11.32
CA SER C 72 18.83 -1.75 -10.44
C SER C 72 18.85 -1.34 -8.97
N ARG C 73 18.43 -0.12 -8.68
CA ARG C 73 18.37 0.32 -7.29
C ARG C 73 17.03 0.99 -6.98
N LEU C 74 16.38 1.56 -7.98
CA LEU C 74 15.12 2.27 -7.77
C LEU C 74 13.97 1.49 -8.36
N LEU C 75 12.78 1.70 -7.79
CA LEU C 75 11.62 0.86 -8.11
C LEU C 75 10.35 1.70 -8.06
N VAL C 76 9.32 1.29 -8.80
CA VAL C 76 8.02 1.97 -8.81
C VAL C 76 6.92 0.94 -8.65
N SER C 77 5.88 1.29 -7.88
CA SER C 77 4.74 0.39 -7.71
C SER C 77 3.45 1.18 -7.74
N ALA C 78 2.37 0.48 -8.12
CA ALA C 78 1.04 1.06 -8.28
C ALA C 78 -0.01 0.19 -7.61
N SER C 79 -0.87 0.80 -6.80
CA SER C 79 -1.95 0.12 -6.13
C SER C 79 -3.22 0.91 -6.35
N GLN C 80 -4.35 0.30 -5.97
CA GLN C 80 -5.65 0.93 -6.16
C GLN C 80 -6.03 1.82 -5.00
N ASP C 81 -5.06 2.30 -4.24
CA ASP C 81 -5.27 3.43 -3.34
C ASP C 81 -5.46 4.71 -4.13
N GLY C 82 -4.82 4.81 -5.28
CA GLY C 82 -4.64 6.07 -5.96
C GLY C 82 -3.30 6.66 -5.60
N LYS C 83 -2.27 5.81 -5.55
CA LYS C 83 -0.93 6.20 -5.14
C LYS C 83 0.09 5.47 -6.00
N LEU C 84 1.15 6.18 -6.38
CA LEU C 84 2.25 5.61 -7.14
C LEU C 84 3.53 5.90 -6.36
N ILE C 85 4.27 4.86 -5.97
CA ILE C 85 5.32 5.02 -4.99
C ILE C 85 6.66 4.63 -5.60
N ILE C 86 7.72 5.38 -5.27
CA ILE C 86 9.08 5.10 -5.72
C ILE C 86 9.93 4.69 -4.54
N TRP C 87 10.58 3.54 -4.66
CA TRP C 87 11.32 2.90 -3.57
C TRP C 87 12.81 2.86 -3.88
N ASP C 88 13.60 2.98 -2.82
CA ASP C 88 15.02 2.64 -2.84
C ASP C 88 15.13 1.23 -2.28
N SER C 89 15.49 0.28 -3.13
CA SER C 89 15.47 -1.12 -2.73
C SER C 89 16.69 -1.54 -1.93
N TYR C 90 17.61 -0.62 -1.64
CA TYR C 90 18.75 -0.96 -0.79
C TYR C 90 18.46 -0.72 0.68
N THR C 91 17.91 0.44 1.01
CA THR C 91 17.64 0.80 2.40
C THR C 91 16.16 0.96 2.70
N THR C 92 15.28 0.52 1.80
CA THR C 92 13.83 0.55 2.00
C THR C 92 13.33 1.95 2.31
N ASN C 93 13.94 2.95 1.69
CA ASN C 93 13.46 4.32 1.82
C ASN C 93 12.48 4.65 0.71
N LYS C 94 11.73 5.72 0.91
CA LYS C 94 10.80 6.23 -0.09
C LYS C 94 11.33 7.54 -0.65
N VAL C 95 11.40 7.63 -1.97
CA VAL C 95 11.94 8.80 -2.64
C VAL C 95 10.84 9.75 -3.08
N HIS C 96 9.77 9.24 -3.67
CA HIS C 96 8.64 10.03 -4.14
C HIS C 96 7.34 9.27 -3.91
N ALA C 97 6.26 10.01 -3.64
CA ALA C 97 4.91 9.47 -3.61
C ALA C 97 4.00 10.39 -4.42
N ILE C 98 3.36 9.83 -5.45
CA ILE C 98 2.65 10.60 -6.46
C ILE C 98 1.16 10.25 -6.38
N PRO C 99 0.26 11.22 -6.22
CA PRO C 99 -1.17 10.93 -6.19
C PRO C 99 -1.83 11.02 -7.55
N LEU C 100 -2.89 10.24 -7.73
CA LEU C 100 -3.53 10.05 -9.02
C LEU C 100 -4.91 10.70 -9.06
N ARG C 101 -5.34 11.03 -10.28
CA ARG C 101 -6.65 11.63 -10.51
C ARG C 101 -7.73 10.57 -10.76
N SER C 102 -7.36 9.31 -10.87
CA SER C 102 -8.31 8.22 -11.06
C SER C 102 -7.70 6.96 -10.49
N SER C 103 -8.37 6.35 -9.51
CA SER C 103 -7.75 5.29 -8.73
C SER C 103 -7.93 3.89 -9.30
N TRP C 104 -8.58 3.75 -10.46
CA TRP C 104 -8.77 2.43 -11.06
C TRP C 104 -7.66 2.16 -12.07
N VAL C 105 -6.45 1.97 -11.54
CA VAL C 105 -5.24 1.80 -12.36
C VAL C 105 -4.93 0.33 -12.51
N MET C 106 -4.26 -0.01 -13.61
CA MET C 106 -3.88 -1.40 -13.85
C MET C 106 -2.46 -1.58 -14.39
N THR C 107 -1.69 -0.52 -14.58
CA THR C 107 -0.37 -0.65 -15.18
C THR C 107 0.49 0.57 -14.85
N CYS C 108 1.81 0.39 -14.96
CA CYS C 108 2.77 1.47 -14.77
C CYS C 108 4.06 1.09 -15.50
N ALA C 109 4.91 2.09 -15.73
CA ALA C 109 6.17 1.90 -16.43
C ALA C 109 7.18 2.95 -15.98
N TYR C 110 8.46 2.67 -16.24
CA TYR C 110 9.55 3.48 -15.70
C TYR C 110 10.50 3.81 -16.85
N ALA C 111 10.69 5.10 -17.13
CA ALA C 111 11.39 5.50 -18.34
C ALA C 111 12.84 5.03 -18.31
N PRO C 112 13.40 4.62 -19.45
CA PRO C 112 14.75 4.00 -19.42
C PRO C 112 15.85 4.98 -19.08
N SER C 113 15.71 6.25 -19.41
CA SER C 113 16.69 7.25 -18.99
C SER C 113 16.55 7.61 -17.52
N GLY C 114 15.38 7.38 -16.92
CA GLY C 114 15.15 7.71 -15.53
C GLY C 114 14.52 9.05 -15.29
N ASN C 115 13.80 9.60 -16.26
CA ASN C 115 13.22 10.93 -16.13
C ASN C 115 11.70 10.92 -15.95
N TYR C 116 11.00 9.93 -16.47
CA TYR C 116 9.54 9.95 -16.57
C TYR C 116 8.95 8.66 -16.05
N VAL C 117 7.66 8.73 -15.66
CA VAL C 117 6.86 7.54 -15.36
C VAL C 117 5.50 7.65 -16.05
N ALA C 118 4.81 6.51 -16.16
CA ALA C 118 3.55 6.44 -16.88
C ALA C 118 2.55 5.56 -16.14
N CYS C 119 1.26 5.84 -16.32
CA CYS C 119 0.22 5.02 -15.70
C CYS C 119 -1.09 5.11 -16.47
N GLY C 120 -2.00 4.17 -16.19
CA GLY C 120 -3.29 4.14 -16.83
C GLY C 120 -4.18 3.03 -16.25
N GLY C 121 -5.41 2.97 -16.76
CA GLY C 121 -6.37 1.99 -16.26
C GLY C 121 -7.75 2.04 -16.89
N LEU C 122 -8.80 2.00 -16.06
CA LEU C 122 -10.18 1.91 -16.51
C LEU C 122 -10.77 3.23 -16.96
N ASP C 123 -9.94 4.24 -17.24
CA ASP C 123 -10.45 5.54 -17.64
C ASP C 123 -10.06 5.94 -19.06
N ASN C 124 -9.38 5.06 -19.80
CA ASN C 124 -9.12 5.24 -21.23
C ASN C 124 -8.07 6.32 -21.52
N ILE C 125 -7.18 6.61 -20.57
CA ILE C 125 -6.20 7.67 -20.70
C ILE C 125 -4.87 7.17 -20.17
N CYS C 126 -3.77 7.57 -20.80
CA CYS C 126 -2.43 7.26 -20.34
C CYS C 126 -1.75 8.55 -19.90
N SER C 127 -1.28 8.60 -18.66
CA SER C 127 -0.70 9.80 -18.10
C SER C 127 0.80 9.65 -17.93
N ILE C 128 1.54 10.73 -18.23
CA ILE C 128 3.00 10.73 -18.24
C ILE C 128 3.50 11.85 -17.35
N TYR C 129 4.36 11.49 -16.38
CA TYR C 129 4.83 12.36 -15.30
C TYR C 129 6.33 12.61 -15.40
N ASN C 130 6.72 13.85 -15.09
CA ASN C 130 8.10 14.35 -15.16
C ASN C 130 8.67 14.40 -13.75
N LEU C 131 9.83 13.76 -13.55
CA LEU C 131 10.38 13.59 -12.20
C LEU C 131 11.40 14.66 -11.80
N LYS C 132 12.05 15.32 -12.75
CA LYS C 132 13.17 16.19 -12.45
C LYS C 132 12.85 17.62 -12.89
N THR C 133 12.22 18.36 -12.00
CA THR C 133 11.85 19.75 -12.22
C THR C 133 12.75 20.67 -11.41
N ARG C 134 12.53 21.98 -11.59
CA ARG C 134 13.22 22.99 -10.81
C ARG C 134 12.42 23.49 -9.61
N GLU C 135 11.25 22.92 -9.36
CA GLU C 135 10.42 23.32 -8.23
C GLU C 135 10.32 22.24 -7.16
N GLY C 136 11.04 21.13 -7.33
CA GLY C 136 11.13 20.12 -6.31
C GLY C 136 10.09 19.00 -6.40
N ASN C 137 8.96 19.25 -7.06
CA ASN C 137 7.84 18.31 -7.06
C ASN C 137 7.77 17.57 -8.39
N VAL C 138 6.74 16.74 -8.51
CA VAL C 138 6.48 15.92 -9.70
C VAL C 138 5.14 16.36 -10.28
N ARG C 139 5.11 16.61 -11.59
CA ARG C 139 3.92 17.13 -12.24
C ARG C 139 3.61 16.31 -13.48
N VAL C 140 2.37 16.46 -13.96
CA VAL C 140 1.88 15.67 -15.08
C VAL C 140 2.26 16.38 -16.38
N SER C 141 3.20 15.82 -17.11
CA SER C 141 3.59 16.41 -18.39
C SER C 141 2.52 16.21 -19.45
N ARG C 142 1.99 14.99 -19.57
CA ARG C 142 1.20 14.68 -20.77
C ARG C 142 0.02 13.78 -20.43
N GLU C 143 -1.08 13.95 -21.17
CA GLU C 143 -2.24 13.07 -21.11
C GLU C 143 -2.59 12.60 -22.52
N LEU C 144 -2.39 11.31 -22.78
CA LEU C 144 -2.64 10.73 -24.09
C LEU C 144 -4.02 10.06 -24.07
N ALA C 145 -4.91 10.53 -24.94
CA ALA C 145 -6.29 10.06 -25.03
C ALA C 145 -6.61 9.67 -26.46
N GLY C 146 -7.57 8.76 -26.62
CA GLY C 146 -7.95 8.30 -27.95
C GLY C 146 -8.40 6.85 -28.06
N HIS C 147 -8.20 6.06 -27.01
CA HIS C 147 -8.73 4.70 -26.99
C HIS C 147 -10.19 4.71 -26.54
N THR C 148 -10.87 3.57 -26.70
CA THR C 148 -12.24 3.43 -26.23
C THR C 148 -12.45 2.31 -25.22
N GLY C 149 -11.45 1.45 -25.00
CA GLY C 149 -11.52 0.43 -23.97
C GLY C 149 -10.37 0.60 -22.98
N TYR C 150 -10.47 -0.11 -21.86
CA TYR C 150 -9.48 0.05 -20.81
C TYR C 150 -8.09 -0.28 -21.32
N LEU C 151 -7.08 0.18 -20.58
CA LEU C 151 -5.68 0.01 -20.94
C LEU C 151 -5.09 -1.18 -20.20
N SER C 152 -4.26 -1.96 -20.90
CA SER C 152 -3.64 -3.13 -20.29
C SER C 152 -2.22 -2.89 -19.82
N CYS C 153 -1.34 -2.39 -20.69
CA CYS C 153 0.01 -2.04 -20.27
C CYS C 153 0.61 -1.05 -21.26
N CYS C 154 1.63 -0.33 -20.81
CA CYS C 154 2.32 0.68 -21.59
C CYS C 154 3.82 0.60 -21.32
N ARG C 155 4.62 0.77 -22.37
CA ARG C 155 6.07 0.60 -22.27
C ARG C 155 6.77 1.67 -23.10
N PHE C 156 7.68 2.42 -22.47
CA PHE C 156 8.45 3.44 -23.16
C PHE C 156 9.41 2.82 -24.17
N LEU C 157 9.70 3.57 -25.23
CA LEU C 157 10.80 3.26 -26.13
C LEU C 157 11.99 4.19 -25.93
N ASP C 158 11.72 5.48 -25.80
CA ASP C 158 12.71 6.48 -25.40
C ASP C 158 11.94 7.67 -24.84
N ASP C 159 12.60 8.82 -24.73
CA ASP C 159 11.96 9.96 -24.08
C ASP C 159 10.76 10.49 -24.83
N ASN C 160 10.54 10.08 -26.09
CA ASN C 160 9.53 10.72 -26.91
C ASN C 160 8.63 9.74 -27.66
N GLN C 161 8.65 8.45 -27.34
CA GLN C 161 7.78 7.49 -28.00
C GLN C 161 7.27 6.47 -26.99
N ILE C 162 5.96 6.20 -27.02
CA ILE C 162 5.36 5.26 -26.08
C ILE C 162 4.43 4.32 -26.85
N VAL C 163 4.15 3.16 -26.26
CA VAL C 163 3.33 2.13 -26.88
C VAL C 163 2.23 1.72 -25.90
N THR C 164 0.99 1.65 -26.36
CA THR C 164 -0.12 1.27 -25.50
C THR C 164 -0.97 0.18 -26.15
N SER C 165 -1.65 -0.60 -25.31
CA SER C 165 -2.54 -1.66 -25.77
C SER C 165 -3.83 -1.61 -24.97
N SER C 166 -4.96 -1.80 -25.64
CA SER C 166 -6.24 -1.60 -24.97
C SER C 166 -7.16 -2.79 -25.15
N GLY C 167 -8.35 -2.68 -24.58
CA GLY C 167 -9.43 -3.63 -24.72
C GLY C 167 -10.33 -3.39 -25.91
N ASP C 168 -9.97 -2.43 -26.78
CA ASP C 168 -10.61 -2.25 -28.07
C ASP C 168 -10.21 -3.32 -29.07
N THR C 169 -9.27 -4.19 -28.70
CA THR C 169 -8.53 -5.06 -29.62
C THR C 169 -7.59 -4.26 -30.51
N THR C 170 -6.95 -3.22 -29.97
CA THR C 170 -6.01 -2.40 -30.73
C THR C 170 -4.80 -2.02 -29.89
N CYS C 171 -3.66 -1.88 -30.58
CA CYS C 171 -2.46 -1.30 -30.02
C CYS C 171 -2.13 -0.01 -30.78
N ALA C 172 -1.36 0.87 -30.15
CA ALA C 172 -1.08 2.17 -30.74
C ALA C 172 0.31 2.65 -30.36
N LEU C 173 0.96 3.33 -31.30
CA LEU C 173 2.26 3.95 -31.07
C LEU C 173 2.09 5.47 -31.04
N TRP C 174 2.54 6.09 -29.94
CA TRP C 174 2.29 7.51 -29.69
C TRP C 174 3.59 8.31 -29.70
N ASP C 175 3.53 9.48 -30.31
CA ASP C 175 4.56 10.50 -30.23
C ASP C 175 4.16 11.48 -29.14
N ILE C 176 4.99 11.59 -28.09
CA ILE C 176 4.55 12.25 -26.87
C ILE C 176 4.42 13.75 -27.08
N GLU C 177 5.41 14.38 -27.71
CA GLU C 177 5.44 15.84 -27.78
C GLU C 177 4.25 16.38 -28.59
N THR C 178 3.92 15.71 -29.69
CA THR C 178 2.78 16.15 -30.50
C THR C 178 1.46 15.86 -29.78
N GLY C 179 1.31 14.66 -29.26
CA GLY C 179 0.08 14.25 -28.60
C GLY C 179 -0.87 13.44 -29.44
N GLN C 180 -0.47 13.05 -30.65
CA GLN C 180 -1.33 12.31 -31.57
C GLN C 180 -0.66 11.02 -31.98
N GLN C 181 -1.47 10.03 -32.35
CA GLN C 181 -0.95 8.74 -32.72
C GLN C 181 -0.17 8.82 -34.02
N THR C 182 0.67 7.82 -34.25
CA THR C 182 1.44 7.69 -35.47
C THR C 182 1.10 6.44 -36.26
N THR C 183 0.88 5.32 -35.58
CA THR C 183 0.44 4.10 -36.24
C THR C 183 -0.39 3.28 -35.27
N THR C 184 -1.40 2.60 -35.83
CA THR C 184 -2.31 1.77 -35.05
C THR C 184 -2.24 0.34 -35.57
N PHE C 185 -2.19 -0.61 -34.64
CA PHE C 185 -2.07 -2.03 -34.97
C PHE C 185 -3.40 -2.69 -34.63
N THR C 186 -4.06 -3.21 -35.66
CA THR C 186 -5.36 -3.87 -35.56
C THR C 186 -5.29 -5.24 -36.18
N GLY C 187 -6.21 -6.11 -35.77
CA GLY C 187 -6.23 -7.47 -36.28
C GLY C 187 -6.67 -8.50 -35.27
N HIS C 188 -6.60 -8.15 -33.98
CA HIS C 188 -7.10 -9.05 -32.95
C HIS C 188 -8.62 -9.00 -32.89
N THR C 189 -9.20 -10.00 -32.24
CA THR C 189 -10.65 -10.06 -32.05
C THR C 189 -11.08 -9.88 -30.60
N GLY C 190 -10.27 -10.33 -29.64
CA GLY C 190 -10.56 -10.15 -28.23
C GLY C 190 -9.62 -9.16 -27.57
N ASP C 191 -9.89 -8.91 -26.29
CA ASP C 191 -9.14 -7.93 -25.54
C ASP C 191 -7.65 -8.26 -25.51
N VAL C 192 -6.82 -7.24 -25.66
CA VAL C 192 -5.37 -7.39 -25.61
C VAL C 192 -4.93 -7.30 -24.15
N MET C 193 -4.11 -8.24 -23.70
CA MET C 193 -3.81 -8.33 -22.28
C MET C 193 -2.42 -7.81 -21.90
N SER C 194 -1.39 -8.04 -22.72
CA SER C 194 -0.06 -7.54 -22.38
C SER C 194 0.84 -7.57 -23.61
N LEU C 195 1.95 -6.83 -23.52
CA LEU C 195 2.93 -6.72 -24.59
C LEU C 195 4.32 -6.60 -23.99
N SER C 196 5.33 -6.93 -24.80
CA SER C 196 6.72 -6.92 -24.35
C SER C 196 7.62 -6.48 -25.49
N LEU C 197 8.43 -5.46 -25.24
CA LEU C 197 9.33 -4.91 -26.26
C LEU C 197 10.52 -5.82 -26.48
N ALA C 198 11.11 -5.69 -27.66
CA ALA C 198 12.33 -6.42 -27.98
C ALA C 198 13.53 -5.73 -27.36
N PRO C 199 14.58 -6.48 -27.02
CA PRO C 199 15.79 -5.83 -26.49
C PRO C 199 16.43 -4.87 -27.47
N ASP C 200 16.40 -5.16 -28.77
CA ASP C 200 16.94 -4.27 -29.78
C ASP C 200 15.93 -3.22 -30.24
N THR C 201 14.69 -3.30 -29.76
CA THR C 201 13.69 -2.24 -29.92
C THR C 201 13.36 -1.98 -31.39
N ARG C 202 12.92 -3.03 -32.07
CA ARG C 202 12.37 -2.91 -33.42
C ARG C 202 11.04 -3.62 -33.62
N LEU C 203 10.70 -4.57 -32.76
CA LEU C 203 9.45 -5.32 -32.86
C LEU C 203 8.77 -5.35 -31.50
N PHE C 204 7.64 -6.03 -31.43
CA PHE C 204 7.10 -6.46 -30.14
C PHE C 204 6.07 -7.55 -30.36
N VAL C 205 5.56 -8.11 -29.26
CA VAL C 205 4.60 -9.19 -29.28
C VAL C 205 3.38 -8.78 -28.48
N SER C 206 2.24 -9.39 -28.81
CA SER C 206 1.01 -9.06 -28.09
C SER C 206 0.12 -10.29 -28.01
N GLY C 207 -0.46 -10.52 -26.84
CA GLY C 207 -1.37 -11.63 -26.62
C GLY C 207 -2.76 -11.14 -26.27
N ALA C 208 -3.77 -11.89 -26.70
CA ALA C 208 -5.14 -11.43 -26.56
C ALA C 208 -6.03 -12.47 -25.92
N CYS C 209 -7.25 -12.05 -25.59
CA CYS C 209 -8.25 -12.91 -24.96
C CYS C 209 -8.81 -13.97 -25.90
N ASP C 210 -8.50 -13.90 -27.19
CA ASP C 210 -8.93 -14.90 -28.15
C ASP C 210 -7.98 -16.09 -28.19
N ALA C 211 -7.04 -16.18 -27.25
CA ALA C 211 -6.06 -17.25 -27.18
C ALA C 211 -5.13 -17.25 -28.39
N SER C 212 -4.54 -16.10 -28.67
CA SER C 212 -3.59 -15.98 -29.78
C SER C 212 -2.62 -14.84 -29.51
N ALA C 213 -1.46 -14.93 -30.14
CA ALA C 213 -0.42 -13.93 -30.04
C ALA C 213 0.02 -13.51 -31.44
N LYS C 214 0.47 -12.26 -31.56
CA LYS C 214 0.91 -11.75 -32.85
C LYS C 214 2.16 -10.89 -32.69
N LEU C 215 3.01 -10.94 -33.71
CA LEU C 215 4.28 -10.22 -33.74
C LEU C 215 4.15 -8.99 -34.63
N TRP C 216 4.48 -7.83 -34.07
CA TRP C 216 4.28 -6.55 -34.76
C TRP C 216 5.61 -5.87 -35.04
N ASP C 217 5.68 -5.21 -36.19
CA ASP C 217 6.80 -4.37 -36.59
C ASP C 217 6.44 -2.91 -36.31
N VAL C 218 7.35 -2.20 -35.63
CA VAL C 218 6.99 -0.90 -35.05
C VAL C 218 6.82 0.17 -36.13
N ARG C 219 7.71 0.20 -37.11
CA ARG C 219 7.78 1.35 -38.00
C ARG C 219 6.91 1.26 -39.24
N GLU C 220 6.26 0.11 -39.50
CA GLU C 220 5.33 0.01 -40.61
C GLU C 220 3.93 -0.40 -40.21
N GLY C 221 3.78 -1.35 -39.29
CA GLY C 221 2.48 -1.70 -38.75
C GLY C 221 1.89 -2.99 -39.23
N MET C 222 2.58 -3.75 -40.08
CA MET C 222 2.04 -5.01 -40.58
C MET C 222 2.43 -6.15 -39.65
N CYS C 223 1.43 -6.89 -39.18
CA CYS C 223 1.68 -8.12 -38.43
C CYS C 223 2.47 -9.10 -39.28
N ARG C 224 3.55 -9.63 -38.71
CA ARG C 224 4.41 -10.56 -39.45
C ARG C 224 4.00 -12.01 -39.22
N GLN C 225 3.78 -12.41 -37.97
CA GLN C 225 3.48 -13.79 -37.65
C GLN C 225 2.40 -13.84 -36.57
N THR C 226 1.69 -14.98 -36.54
CA THR C 226 0.69 -15.24 -35.51
C THR C 226 0.91 -16.64 -34.95
N PHE C 227 0.56 -16.79 -33.67
CA PHE C 227 0.76 -18.03 -32.94
C PHE C 227 -0.49 -18.38 -32.15
N THR C 228 -0.86 -19.66 -32.19
CA THR C 228 -1.97 -20.21 -31.43
C THR C 228 -1.48 -21.41 -30.64
N GLY C 229 -2.37 -22.02 -29.86
CA GLY C 229 -2.01 -23.23 -29.14
C GLY C 229 -2.60 -23.34 -27.74
N HIS C 230 -2.91 -22.23 -27.11
CA HIS C 230 -3.48 -22.27 -25.78
C HIS C 230 -4.96 -22.61 -25.84
N GLU C 231 -5.47 -23.16 -24.73
CA GLU C 231 -6.88 -23.53 -24.64
C GLU C 231 -7.79 -22.42 -24.16
N SER C 232 -7.22 -21.33 -23.63
CA SER C 232 -8.01 -20.22 -23.14
C SER C 232 -7.21 -18.94 -23.31
N ASP C 233 -7.72 -17.87 -22.72
CA ASP C 233 -7.15 -16.54 -22.91
C ASP C 233 -5.77 -16.41 -22.27
N ILE C 234 -5.02 -15.42 -22.74
CA ILE C 234 -3.61 -15.23 -22.41
C ILE C 234 -3.48 -14.09 -21.41
N ASN C 235 -2.56 -14.24 -20.45
CA ASN C 235 -2.44 -13.32 -19.33
C ASN C 235 -1.10 -12.62 -19.21
N ALA C 236 -0.02 -13.21 -19.71
CA ALA C 236 1.29 -12.59 -19.57
C ALA C 236 2.21 -13.08 -20.67
N ILE C 237 3.27 -12.31 -20.92
CA ILE C 237 4.17 -12.55 -22.05
C ILE C 237 5.45 -11.79 -21.81
N CYS C 238 6.56 -12.31 -22.32
CA CYS C 238 7.86 -11.65 -22.22
C CYS C 238 8.82 -12.27 -23.23
N PHE C 239 9.94 -11.59 -23.47
CA PHE C 239 11.00 -12.05 -24.36
C PHE C 239 12.10 -12.81 -23.64
N PHE C 240 12.71 -13.75 -24.36
CA PHE C 240 13.96 -14.36 -23.96
C PHE C 240 15.08 -13.33 -24.04
N PRO C 241 16.14 -13.48 -23.24
CA PRO C 241 17.17 -12.43 -23.18
C PRO C 241 17.80 -12.06 -24.52
N ASN C 242 17.89 -12.97 -25.48
CA ASN C 242 18.49 -12.61 -26.76
C ASN C 242 17.48 -11.99 -27.73
N GLY C 243 16.22 -11.83 -27.32
CA GLY C 243 15.21 -11.31 -28.21
C GLY C 243 14.86 -12.20 -29.39
N ASN C 244 14.89 -13.52 -29.20
CA ASN C 244 14.64 -14.47 -30.28
C ASN C 244 13.70 -15.58 -29.85
N ALA C 245 12.93 -15.36 -28.79
CA ALA C 245 11.95 -16.33 -28.31
C ALA C 245 11.00 -15.60 -27.39
N PHE C 246 9.95 -16.29 -26.96
CA PHE C 246 9.07 -15.71 -25.95
C PHE C 246 8.29 -16.80 -25.25
N ALA C 247 7.75 -16.45 -24.08
CA ALA C 247 7.02 -17.39 -23.25
C ALA C 247 5.68 -16.77 -22.85
N THR C 248 4.64 -17.58 -22.87
CA THR C 248 3.29 -17.12 -22.58
C THR C 248 2.71 -17.90 -21.41
N GLY C 249 1.85 -17.23 -20.66
CA GLY C 249 1.10 -17.87 -19.59
C GLY C 249 -0.38 -17.61 -19.78
N SER C 250 -1.19 -18.61 -19.43
CA SER C 250 -2.61 -18.53 -19.71
C SER C 250 -3.45 -18.87 -18.49
N ASP C 251 -4.76 -19.00 -18.69
CA ASP C 251 -5.71 -19.21 -17.62
C ASP C 251 -6.08 -20.68 -17.44
N ASP C 252 -5.47 -21.58 -18.20
CA ASP C 252 -5.71 -23.00 -18.08
C ASP C 252 -4.58 -23.74 -17.37
N ALA C 253 -3.78 -23.02 -16.58
CA ALA C 253 -2.71 -23.59 -15.78
C ALA C 253 -1.63 -24.25 -16.66
N THR C 254 -1.08 -23.44 -17.57
CA THR C 254 0.00 -23.93 -18.41
C THR C 254 0.82 -22.76 -18.89
N CYS C 255 2.12 -23.00 -19.10
CA CYS C 255 3.01 -22.03 -19.71
C CYS C 255 3.57 -22.63 -20.99
N ARG C 256 3.90 -21.77 -21.96
CA ARG C 256 4.42 -22.28 -23.23
C ARG C 256 5.57 -21.41 -23.73
N LEU C 257 6.54 -22.06 -24.37
CA LEU C 257 7.70 -21.43 -24.95
C LEU C 257 7.62 -21.57 -26.46
N PHE C 258 7.60 -20.42 -27.15
CA PHE C 258 7.57 -20.31 -28.60
C PHE C 258 8.86 -19.69 -29.11
N ASP C 259 9.24 -20.08 -30.33
CA ASP C 259 10.38 -19.50 -31.04
C ASP C 259 9.92 -18.89 -32.35
N LEU C 260 10.45 -17.71 -32.67
CA LEU C 260 9.99 -16.98 -33.85
C LEU C 260 10.38 -17.69 -35.14
N ARG C 261 11.64 -18.11 -35.25
CA ARG C 261 12.13 -18.66 -36.51
C ARG C 261 11.49 -19.99 -36.86
N ALA C 262 11.25 -20.85 -35.88
CA ALA C 262 10.59 -22.12 -36.15
C ALA C 262 9.12 -21.96 -36.45
N ASP C 263 8.51 -20.85 -36.04
CA ASP C 263 7.12 -20.52 -36.34
C ASP C 263 6.14 -21.54 -35.77
N GLN C 264 6.51 -22.22 -34.68
CA GLN C 264 5.59 -23.14 -34.03
C GLN C 264 6.01 -23.31 -32.57
N GLU C 265 5.24 -24.11 -31.85
CA GLU C 265 5.47 -24.31 -30.43
C GLU C 265 6.75 -25.07 -30.17
N LEU C 266 7.43 -24.74 -29.07
CA LEU C 266 8.58 -25.49 -28.61
C LEU C 266 8.31 -26.30 -27.36
N MET C 267 7.83 -25.69 -26.26
CA MET C 267 7.77 -26.53 -25.08
C MET C 267 6.68 -26.03 -24.12
N THR C 268 6.26 -26.93 -23.22
CA THR C 268 5.16 -26.65 -22.30
C THR C 268 5.60 -26.90 -20.86
N TYR C 269 5.04 -26.10 -19.95
CA TYR C 269 5.29 -26.21 -18.51
C TYR C 269 3.95 -26.35 -17.82
N SER C 270 3.65 -27.56 -17.32
CA SER C 270 2.42 -27.82 -16.62
C SER C 270 2.65 -28.90 -15.58
N HIS C 271 1.81 -28.90 -14.54
CA HIS C 271 1.85 -29.91 -13.50
C HIS C 271 0.44 -30.31 -13.11
N ASP C 272 0.34 -31.51 -12.54
CA ASP C 272 -0.97 -32.05 -12.19
C ASP C 272 -1.57 -31.32 -10.99
N ASN C 273 -0.72 -30.89 -10.05
CA ASN C 273 -1.20 -30.34 -8.79
C ASN C 273 -1.68 -28.91 -8.91
N ILE C 274 -1.51 -28.26 -10.06
CA ILE C 274 -1.88 -26.87 -10.25
C ILE C 274 -3.16 -26.81 -11.07
N ILE C 275 -4.10 -25.98 -10.63
CA ILE C 275 -5.40 -25.87 -11.29
C ILE C 275 -5.74 -24.41 -11.58
N CYS C 276 -4.91 -23.49 -11.10
CA CYS C 276 -5.17 -22.07 -11.22
C CYS C 276 -4.40 -21.47 -12.39
N GLY C 277 -4.75 -20.24 -12.74
CA GLY C 277 -4.12 -19.56 -13.85
C GLY C 277 -2.82 -18.86 -13.46
N ILE C 278 -2.12 -18.39 -14.48
CA ILE C 278 -0.84 -17.70 -14.31
C ILE C 278 -1.09 -16.21 -14.49
N THR C 279 -0.57 -15.41 -13.57
CA THR C 279 -0.82 -13.97 -13.59
C THR C 279 0.36 -13.17 -14.12
N SER C 280 1.59 -13.68 -14.02
CA SER C 280 2.73 -12.99 -14.60
C SER C 280 3.87 -13.97 -14.80
N VAL C 281 4.79 -13.63 -15.71
CA VAL C 281 5.99 -14.42 -15.96
C VAL C 281 7.19 -13.49 -16.10
N SER C 282 8.37 -14.05 -15.93
CA SER C 282 9.61 -13.33 -16.26
C SER C 282 10.75 -14.32 -16.37
N PHE C 283 11.87 -13.85 -16.92
CA PHE C 283 13.07 -14.65 -17.20
C PHE C 283 14.23 -14.16 -16.35
N SER C 284 15.38 -14.82 -16.51
CA SER C 284 16.64 -14.41 -15.91
C SER C 284 17.73 -14.41 -16.98
N LYS C 285 18.85 -13.73 -16.68
CA LYS C 285 19.89 -13.46 -17.66
C LYS C 285 20.29 -14.63 -18.56
N SER C 286 20.80 -15.69 -17.97
CA SER C 286 21.29 -16.81 -18.77
C SER C 286 20.14 -17.58 -19.39
N GLY C 287 18.91 -17.14 -19.15
CA GLY C 287 17.75 -17.84 -19.63
C GLY C 287 17.61 -19.23 -19.06
N ARG C 288 18.09 -19.45 -17.84
CA ARG C 288 18.05 -20.77 -17.24
C ARG C 288 17.02 -20.87 -16.12
N LEU C 289 16.35 -19.79 -15.77
CA LEU C 289 15.24 -19.86 -14.83
C LEU C 289 14.06 -19.04 -15.34
N LEU C 290 12.87 -19.61 -15.19
CA LEU C 290 11.60 -18.99 -15.56
C LEU C 290 10.74 -18.84 -14.31
N LEU C 291 10.41 -17.61 -13.96
CA LEU C 291 9.67 -17.33 -12.74
C LEU C 291 8.21 -17.04 -13.10
N ALA C 292 7.28 -17.64 -12.35
CA ALA C 292 5.87 -17.50 -12.68
C ALA C 292 5.02 -17.40 -11.42
N GLY C 293 4.13 -16.40 -11.39
CA GLY C 293 3.17 -16.29 -10.32
C GLY C 293 1.97 -17.19 -10.53
N TYR C 294 1.13 -17.29 -9.50
CA TYR C 294 -0.06 -18.14 -9.58
C TYR C 294 -1.13 -17.59 -8.66
N ASP C 295 -2.27 -18.28 -8.61
CA ASP C 295 -3.35 -17.97 -7.68
C ASP C 295 -3.28 -18.78 -6.39
N ASP C 296 -2.40 -19.79 -6.32
CA ASP C 296 -2.19 -20.54 -5.09
C ASP C 296 -1.57 -19.71 -3.99
N PHE C 297 -1.36 -18.42 -4.24
CA PHE C 297 -0.75 -17.42 -3.36
C PHE C 297 0.77 -17.47 -3.37
N ASN C 298 1.41 -18.22 -4.28
CA ASN C 298 2.86 -18.36 -4.25
C ASN C 298 3.40 -18.42 -5.67
N CYS C 299 4.72 -18.28 -5.80
CA CYS C 299 5.40 -18.28 -7.09
C CYS C 299 6.20 -19.55 -7.28
N ASN C 300 6.35 -19.97 -8.53
CA ASN C 300 7.20 -21.10 -8.86
C ASN C 300 8.35 -20.69 -9.75
N VAL C 301 9.38 -21.54 -9.76
CA VAL C 301 10.60 -21.35 -10.52
C VAL C 301 10.81 -22.61 -11.34
N TRP C 302 10.92 -22.48 -12.65
CA TRP C 302 11.07 -23.60 -13.55
C TRP C 302 12.42 -23.53 -14.25
N ASP C 303 13.00 -24.69 -14.51
CA ASP C 303 14.19 -24.79 -15.35
C ASP C 303 13.73 -24.78 -16.81
N ALA C 304 14.17 -23.77 -17.56
CA ALA C 304 13.63 -23.56 -18.90
C ALA C 304 13.94 -24.73 -19.83
N LEU C 305 15.15 -25.28 -19.75
CA LEU C 305 15.56 -26.28 -20.72
C LEU C 305 14.89 -27.63 -20.50
N LYS C 306 14.55 -27.98 -19.26
CA LYS C 306 14.07 -29.32 -18.95
C LYS C 306 12.59 -29.39 -18.63
N ALA C 307 12.04 -28.39 -17.93
CA ALA C 307 10.62 -28.34 -17.61
C ALA C 307 10.15 -29.57 -16.82
N ASP C 308 10.99 -30.03 -15.90
CA ASP C 308 10.58 -31.06 -14.96
C ASP C 308 11.09 -30.76 -13.56
N ARG C 309 11.37 -29.50 -13.27
CA ARG C 309 11.95 -29.11 -11.99
C ARG C 309 11.18 -27.89 -11.49
N ALA C 310 11.36 -27.57 -10.21
CA ALA C 310 10.76 -26.37 -9.67
C ALA C 310 11.46 -25.98 -8.37
N GLY C 311 11.50 -24.67 -8.11
CA GLY C 311 11.65 -24.15 -6.77
C GLY C 311 10.38 -23.39 -6.42
N VAL C 312 10.17 -23.14 -5.13
CA VAL C 312 8.96 -22.50 -4.67
C VAL C 312 9.33 -21.25 -3.87
N LEU C 313 8.55 -20.19 -4.06
CA LEU C 313 8.67 -18.97 -3.26
C LEU C 313 7.30 -18.72 -2.62
N ALA C 314 7.23 -18.91 -1.32
CA ALA C 314 5.99 -18.72 -0.57
C ALA C 314 6.21 -17.68 0.52
N GLY C 315 5.11 -17.10 0.98
CA GLY C 315 5.20 -16.05 1.97
C GLY C 315 4.21 -14.93 1.77
N HIS C 316 3.42 -15.02 0.71
CA HIS C 316 2.32 -14.11 0.47
C HIS C 316 1.02 -14.78 0.89
N ASP C 317 0.00 -13.95 1.13
CA ASP C 317 -1.29 -14.44 1.62
C ASP C 317 -2.43 -14.08 0.69
N ASN C 318 -2.15 -13.95 -0.61
CA ASN C 318 -3.15 -13.69 -1.63
C ASN C 318 -2.46 -13.87 -2.97
N ARG C 319 -3.21 -13.64 -4.05
CA ARG C 319 -2.69 -13.91 -5.38
C ARG C 319 -1.46 -13.06 -5.67
N VAL C 320 -0.39 -13.70 -6.14
CA VAL C 320 0.79 -12.97 -6.58
C VAL C 320 0.47 -12.35 -7.93
N SER C 321 0.37 -11.02 -7.99
CA SER C 321 -0.06 -10.33 -9.18
C SER C 321 1.07 -9.71 -9.99
N CYS C 322 2.27 -9.56 -9.43
CA CYS C 322 3.36 -9.02 -10.24
C CYS C 322 4.71 -9.48 -9.71
N LEU C 323 5.70 -9.54 -10.61
CA LEU C 323 7.06 -9.88 -10.23
C LEU C 323 8.02 -9.38 -11.30
N GLY C 324 9.28 -9.16 -10.90
CA GLY C 324 10.27 -8.59 -11.80
C GLY C 324 11.70 -8.88 -11.38
N VAL C 325 12.60 -8.77 -12.36
CA VAL C 325 14.01 -9.09 -12.20
C VAL C 325 14.85 -7.92 -12.73
N THR C 326 15.95 -7.61 -12.05
CA THR C 326 16.77 -6.46 -12.38
C THR C 326 17.50 -6.67 -13.71
N ASP C 327 18.18 -5.61 -14.17
CA ASP C 327 19.03 -5.72 -15.35
C ASP C 327 20.35 -6.41 -15.05
N ASP C 328 20.88 -6.27 -13.84
CA ASP C 328 22.11 -6.97 -13.47
C ASP C 328 21.84 -8.35 -12.88
N GLY C 329 20.58 -8.75 -12.77
CA GLY C 329 20.23 -10.12 -12.44
C GLY C 329 20.50 -10.56 -11.03
N MET C 330 20.55 -9.64 -10.07
CA MET C 330 20.98 -9.95 -8.72
C MET C 330 19.86 -9.87 -7.69
N ALA C 331 18.61 -9.76 -8.11
CA ALA C 331 17.51 -9.72 -7.16
C ALA C 331 16.22 -10.10 -7.88
N VAL C 332 15.19 -10.39 -7.10
CA VAL C 332 13.84 -10.62 -7.61
C VAL C 332 12.86 -9.90 -6.70
N ALA C 333 11.82 -9.31 -7.27
CA ALA C 333 10.80 -8.64 -6.47
C ALA C 333 9.44 -9.19 -6.82
N THR C 334 8.58 -9.35 -5.81
CA THR C 334 7.20 -9.77 -6.01
C THR C 334 6.25 -8.87 -5.25
N GLY C 335 5.05 -8.72 -5.80
CA GLY C 335 3.99 -8.01 -5.13
C GLY C 335 2.67 -8.71 -5.38
N SER C 336 1.82 -8.71 -4.36
CA SER C 336 0.60 -9.50 -4.37
C SER C 336 -0.57 -8.66 -3.88
N TRP C 337 -1.72 -9.30 -3.78
CA TRP C 337 -2.97 -8.67 -3.40
C TRP C 337 -3.06 -8.37 -1.93
N ASP C 338 -2.02 -8.46 -1.10
CA ASP C 338 -2.14 -8.19 0.33
C ASP C 338 -1.31 -6.99 0.76
N SER C 339 -0.89 -6.14 -0.18
CA SER C 339 -0.25 -4.83 0.04
C SER C 339 1.23 -4.87 0.40
N PHE C 340 1.92 -6.00 0.28
CA PHE C 340 3.32 -6.06 0.66
C PHE C 340 4.17 -6.47 -0.53
N LEU C 341 5.30 -5.78 -0.71
CA LEU C 341 6.30 -6.14 -1.68
C LEU C 341 7.45 -6.85 -0.98
N LYS C 342 8.02 -7.85 -1.64
CA LYS C 342 9.09 -8.62 -1.05
C LYS C 342 10.24 -8.78 -2.04
N ILE C 343 11.46 -8.76 -1.51
CA ILE C 343 12.67 -8.83 -2.32
C ILE C 343 13.46 -10.08 -1.92
N TRP C 344 13.82 -10.88 -2.91
CA TRP C 344 14.42 -12.19 -2.71
C TRP C 344 15.76 -12.24 -3.41
N ASN C 345 16.73 -12.90 -2.77
CA ASN C 345 18.04 -13.16 -3.35
C ASN C 345 18.71 -14.33 -2.67
N SER D 8 -18.34 -7.88 -45.88
CA SER D 8 -17.85 -9.23 -45.64
C SER D 8 -16.85 -9.66 -46.72
N ILE D 9 -17.04 -9.20 -47.95
CA ILE D 9 -16.07 -9.48 -49.00
C ILE D 9 -14.73 -8.85 -48.68
N ALA D 10 -14.75 -7.60 -48.20
CA ALA D 10 -13.51 -6.94 -47.81
C ALA D 10 -12.85 -7.66 -46.64
N GLN D 11 -13.64 -8.10 -45.66
CA GLN D 11 -13.08 -8.84 -44.54
C GLN D 11 -12.44 -10.16 -45.00
N ALA D 12 -13.11 -10.87 -45.90
CA ALA D 12 -12.56 -12.10 -46.45
C ALA D 12 -11.28 -11.84 -47.22
N ARG D 13 -11.26 -10.77 -48.01
CA ARG D 13 -10.04 -10.41 -48.73
C ARG D 13 -8.90 -10.10 -47.78
N LYS D 14 -9.19 -9.38 -46.69
CA LYS D 14 -8.14 -9.06 -45.72
C LYS D 14 -7.59 -10.32 -45.07
N LEU D 15 -8.49 -11.23 -44.67
CA LEU D 15 -8.04 -12.49 -44.07
C LEU D 15 -7.20 -13.29 -45.06
N VAL D 16 -7.65 -13.39 -46.30
CA VAL D 16 -6.95 -14.19 -47.30
C VAL D 16 -5.59 -13.59 -47.61
N GLU D 17 -5.51 -12.27 -47.78
CA GLU D 17 -4.22 -11.66 -48.10
C GLU D 17 -3.26 -11.77 -46.93
N GLN D 18 -3.77 -11.64 -45.71
CA GLN D 18 -2.90 -11.81 -44.55
C GLN D 18 -2.38 -13.24 -44.47
N LEU D 19 -3.23 -14.22 -44.75
CA LEU D 19 -2.78 -15.60 -44.78
C LEU D 19 -1.74 -15.81 -45.88
N LYS D 20 -1.93 -15.18 -47.02
CA LYS D 20 -0.96 -15.27 -48.11
C LYS D 20 0.39 -14.70 -47.70
N MET D 21 0.37 -13.54 -47.03
CA MET D 21 1.63 -12.94 -46.58
C MET D 21 2.31 -13.79 -45.53
N GLU D 22 1.54 -14.38 -44.61
CA GLU D 22 2.14 -15.17 -43.55
C GLU D 22 2.62 -16.53 -44.04
N ALA D 23 2.00 -17.07 -45.10
CA ALA D 23 2.43 -18.35 -45.63
C ALA D 23 3.82 -18.26 -46.25
N ASN D 24 4.11 -17.16 -46.93
CA ASN D 24 5.44 -16.94 -47.51
C ASN D 24 6.33 -16.35 -46.43
N ILE D 25 6.77 -17.22 -45.52
CA ILE D 25 7.71 -16.86 -44.46
C ILE D 25 8.77 -17.95 -44.39
N ASP D 26 10.04 -17.53 -44.38
CA ASP D 26 11.15 -18.47 -44.42
C ASP D 26 11.23 -19.22 -43.09
N ARG D 27 11.45 -20.54 -43.17
CA ARG D 27 11.51 -21.40 -42.01
C ARG D 27 12.76 -22.27 -42.07
N ILE D 28 13.19 -22.75 -40.91
CA ILE D 28 14.38 -23.57 -40.77
C ILE D 28 14.06 -24.75 -39.85
N LYS D 29 15.07 -25.55 -39.57
CA LYS D 29 14.90 -26.70 -38.68
C LYS D 29 14.70 -26.23 -37.26
N VAL D 30 13.78 -26.90 -36.55
CA VAL D 30 13.52 -26.56 -35.15
C VAL D 30 14.72 -26.92 -34.28
N SER D 31 15.39 -28.02 -34.59
CA SER D 31 16.58 -28.40 -33.84
C SER D 31 17.65 -27.32 -33.90
N LYS D 32 17.68 -26.53 -34.97
CA LYS D 32 18.59 -25.39 -35.01
C LYS D 32 18.26 -24.38 -33.92
N ALA D 33 16.98 -24.09 -33.74
CA ALA D 33 16.58 -23.19 -32.65
C ALA D 33 16.89 -23.78 -31.30
N ALA D 34 16.68 -25.09 -31.14
CA ALA D 34 17.03 -25.74 -29.88
C ALA D 34 18.52 -25.63 -29.60
N ALA D 35 19.35 -25.83 -30.62
CA ALA D 35 20.79 -25.71 -30.45
C ALA D 35 21.19 -24.28 -30.09
N ASP D 36 20.54 -23.29 -30.72
CA ASP D 36 20.87 -21.89 -30.41
C ASP D 36 20.49 -21.55 -28.96
N LEU D 37 19.33 -22.02 -28.51
CA LEU D 37 18.96 -21.85 -27.10
C LEU D 37 19.96 -22.53 -26.18
N MET D 38 20.39 -23.74 -26.55
CA MET D 38 21.43 -24.44 -25.81
C MET D 38 22.67 -23.57 -25.67
N ALA D 39 23.14 -23.02 -26.79
CA ALA D 39 24.37 -22.24 -26.79
C ALA D 39 24.24 -21.00 -25.92
N TYR D 40 23.13 -20.27 -26.06
CA TYR D 40 23.00 -19.04 -25.28
C TYR D 40 22.83 -19.35 -23.80
N CYS D 41 22.15 -20.44 -23.47
CA CYS D 41 21.98 -20.78 -22.06
C CYS D 41 23.29 -21.21 -21.41
N GLU D 42 24.17 -21.87 -22.17
CA GLU D 42 25.41 -22.35 -21.58
C GLU D 42 26.56 -21.36 -21.66
N ALA D 43 26.51 -20.40 -22.59
CA ALA D 43 27.64 -19.49 -22.75
C ALA D 43 27.68 -18.42 -21.68
N HIS D 44 26.53 -18.04 -21.11
CA HIS D 44 26.46 -16.95 -20.14
C HIS D 44 26.12 -17.43 -18.74
N ALA D 45 26.02 -18.74 -18.52
CA ALA D 45 25.64 -19.25 -17.21
C ALA D 45 26.67 -18.93 -16.14
N LYS D 46 27.89 -18.59 -16.53
CA LYS D 46 28.93 -18.22 -15.59
C LYS D 46 28.73 -16.83 -15.00
N GLU D 47 27.67 -16.11 -15.40
CA GLU D 47 27.43 -14.74 -14.96
C GLU D 47 26.05 -14.54 -14.37
N ASP D 48 25.36 -15.62 -13.96
CA ASP D 48 23.99 -15.53 -13.50
C ASP D 48 23.95 -15.64 -11.98
N PRO D 49 23.75 -14.55 -11.24
CA PRO D 49 23.84 -14.61 -9.78
C PRO D 49 22.75 -15.43 -9.11
N LEU D 50 21.69 -15.81 -9.82
CA LEU D 50 20.63 -16.60 -9.22
C LEU D 50 20.84 -18.10 -9.37
N LEU D 51 21.82 -18.51 -10.16
CA LEU D 51 22.25 -19.90 -10.24
C LEU D 51 23.47 -20.19 -9.39
N THR D 52 24.49 -19.33 -9.47
CA THR D 52 25.71 -19.47 -8.70
C THR D 52 25.72 -18.41 -7.60
N PRO D 53 25.45 -18.79 -6.35
CA PRO D 53 25.39 -17.79 -5.28
C PRO D 53 26.70 -17.01 -5.15
N VAL D 54 26.57 -15.69 -5.19
CA VAL D 54 27.70 -14.77 -5.09
C VAL D 54 28.20 -14.79 -3.65
N PRO D 55 29.50 -14.61 -3.40
CA PRO D 55 29.98 -14.56 -2.02
C PRO D 55 29.31 -13.43 -1.24
N ALA D 56 29.02 -13.71 0.03
CA ALA D 56 28.20 -12.81 0.83
C ALA D 56 28.86 -11.47 1.09
N SER D 57 30.18 -11.35 0.93
CA SER D 57 30.83 -10.09 1.24
C SER D 57 30.48 -9.01 0.22
N GLU D 58 30.39 -9.37 -1.06
CA GLU D 58 30.14 -8.41 -2.12
C GLU D 58 28.66 -8.34 -2.49
N ASN D 59 27.79 -8.97 -1.70
CA ASN D 59 26.35 -8.96 -1.92
C ASN D 59 25.76 -7.66 -1.42
N PRO D 60 25.00 -6.93 -2.24
CA PRO D 60 24.33 -5.72 -1.73
C PRO D 60 23.11 -6.02 -0.91
N PHE D 61 22.59 -7.25 -0.97
CA PHE D 61 21.41 -7.66 -0.23
C PHE D 61 21.76 -8.73 0.81
N ARG D 62 22.96 -8.65 1.35
CA ARG D 62 23.44 -9.58 2.38
C ARG D 62 23.23 -11.04 1.99
N VAL E 1 12.03 30.35 -9.17
CA VAL E 1 13.18 30.31 -8.28
C VAL E 1 13.66 31.72 -7.97
N GLN E 2 13.47 32.15 -6.73
CA GLN E 2 13.83 33.50 -6.31
C GLN E 2 13.90 33.58 -4.79
N LEU E 3 15.05 33.97 -4.25
CA LEU E 3 15.23 34.14 -2.82
C LEU E 3 15.71 35.56 -2.56
N VAL E 4 14.93 36.33 -1.82
CA VAL E 4 15.24 37.75 -1.57
C VAL E 4 15.30 37.99 -0.07
N GLU E 5 16.38 38.62 0.38
CA GLU E 5 16.62 38.81 1.81
C GLU E 5 16.47 40.28 2.19
N SER E 6 16.33 40.50 3.49
CA SER E 6 16.29 41.84 4.05
C SER E 6 16.65 41.79 5.53
N GLY E 7 17.06 42.94 6.05
CA GLY E 7 17.36 43.06 7.47
C GLY E 7 18.69 43.67 7.81
N GLY E 8 19.56 43.83 6.81
CA GLY E 8 20.91 44.31 7.06
C GLY E 8 20.93 45.79 7.41
N GLY E 9 22.13 46.24 7.80
CA GLY E 9 22.32 47.64 8.15
C GLY E 9 23.39 47.78 9.21
N LEU E 10 23.34 48.93 9.90
CA LEU E 10 24.33 49.32 10.89
C LEU E 10 23.77 49.10 12.29
N VAL E 11 24.54 48.45 13.15
CA VAL E 11 24.12 48.12 14.50
C VAL E 11 25.20 48.54 15.48
N GLN E 12 24.79 49.15 16.59
CA GLN E 12 25.70 49.50 17.66
C GLN E 12 26.10 48.26 18.45
N PRO E 13 27.20 48.34 19.22
CA PRO E 13 27.58 47.21 20.06
C PRO E 13 26.45 46.80 20.99
N GLY E 14 26.35 45.50 21.24
CA GLY E 14 25.16 44.97 21.88
C GLY E 14 24.04 44.84 20.86
N GLY E 15 22.82 45.13 21.30
CA GLY E 15 21.69 45.18 20.40
C GLY E 15 21.32 43.82 19.84
N SER E 16 20.39 43.84 18.89
CA SER E 16 19.89 42.63 18.27
C SER E 16 19.29 42.96 16.92
N ARG E 17 19.15 41.93 16.09
CA ARG E 17 18.57 42.07 14.77
C ARG E 17 17.81 40.80 14.42
N LYS E 18 16.96 40.92 13.40
CA LYS E 18 16.20 39.80 12.85
C LYS E 18 16.26 39.89 11.33
N LEU E 19 17.00 38.98 10.71
CA LEU E 19 17.13 38.94 9.27
C LEU E 19 16.10 37.99 8.70
N SER E 20 15.52 38.36 7.55
CA SER E 20 14.45 37.59 6.95
C SER E 20 14.76 37.29 5.49
N CYS E 21 14.24 36.17 5.01
CA CYS E 21 14.37 35.73 3.63
C CYS E 21 13.01 35.28 3.12
N SER E 22 12.73 35.61 1.86
CA SER E 22 11.45 35.34 1.23
C SER E 22 11.67 34.58 -0.07
N ALA E 23 10.98 33.45 -0.20
CA ALA E 23 11.09 32.60 -1.37
C ALA E 23 9.85 32.74 -2.25
N SER E 24 10.03 32.48 -3.54
CA SER E 24 8.93 32.59 -4.49
C SER E 24 9.26 31.83 -5.75
N GLY E 25 8.42 30.87 -6.11
CA GLY E 25 8.57 30.15 -7.36
C GLY E 25 8.88 28.68 -7.25
N PHE E 26 8.81 28.08 -6.06
CA PHE E 26 9.10 26.67 -5.91
C PHE E 26 8.47 26.16 -4.62
N ALA E 27 8.50 24.83 -4.45
CA ALA E 27 7.91 24.16 -3.30
C ALA E 27 8.80 24.37 -2.10
N PHE E 28 8.55 25.45 -1.36
CA PHE E 28 9.45 25.84 -0.27
C PHE E 28 9.50 24.79 0.83
N SER E 29 8.38 24.13 1.11
CA SER E 29 8.28 23.26 2.28
C SER E 29 8.86 21.88 2.05
N SER E 30 9.71 21.69 1.05
CA SER E 30 10.41 20.44 0.83
C SER E 30 11.92 20.59 0.83
N PHE E 31 12.44 21.79 1.08
CA PHE E 31 13.86 22.08 0.99
C PHE E 31 14.40 22.45 2.37
N GLY E 32 15.49 21.80 2.78
CA GLY E 32 16.23 22.26 3.94
C GLY E 32 16.98 23.54 3.62
N MET E 33 17.21 24.34 4.66
CA MET E 33 17.73 25.69 4.45
C MET E 33 18.97 25.93 5.31
N HIS E 34 19.91 26.70 4.75
CA HIS E 34 21.12 27.09 5.47
C HIS E 34 21.30 28.60 5.42
N TRP E 35 21.91 29.13 6.48
CA TRP E 35 22.49 30.47 6.50
C TRP E 35 24.00 30.34 6.47
N VAL E 36 24.66 31.07 5.56
CA VAL E 36 26.10 31.04 5.35
C VAL E 36 26.62 32.47 5.38
N ARG E 37 27.85 32.64 5.88
CA ARG E 37 28.43 33.95 6.16
C ARG E 37 29.70 34.17 5.34
N GLN E 38 29.93 35.42 4.96
CA GLN E 38 31.17 35.81 4.31
C GLN E 38 31.71 37.09 4.92
N ALA E 39 32.97 37.06 5.34
CA ALA E 39 33.63 38.22 5.90
C ALA E 39 33.93 39.25 4.82
N PRO E 40 34.17 40.50 5.21
CA PRO E 40 34.37 41.55 4.19
C PRO E 40 35.51 41.28 3.22
N GLU E 41 36.55 40.57 3.64
CA GLU E 41 37.69 40.30 2.78
C GLU E 41 38.16 38.85 2.84
N LYS E 42 37.46 37.98 3.55
CA LYS E 42 37.90 36.63 3.81
C LYS E 42 36.91 35.63 3.20
N GLY E 43 37.13 34.36 3.50
CA GLY E 43 36.34 33.29 2.91
C GLY E 43 34.93 33.20 3.45
N LEU E 44 34.34 32.02 3.31
CA LEU E 44 32.97 31.75 3.71
C LEU E 44 32.95 30.86 4.95
N GLU E 45 31.88 30.98 5.74
CA GLU E 45 31.76 30.24 7.00
C GLU E 45 30.31 29.83 7.18
N TRP E 46 30.08 28.52 7.33
CA TRP E 46 28.74 28.02 7.59
C TRP E 46 28.22 28.56 8.91
N VAL E 47 26.92 28.84 8.97
CA VAL E 47 26.34 29.41 10.19
C VAL E 47 25.26 28.52 10.77
N ALA E 48 24.19 28.25 10.03
CA ALA E 48 23.09 27.53 10.66
C ALA E 48 22.35 26.67 9.64
N TYR E 49 21.77 25.57 10.13
CA TYR E 49 21.03 24.64 9.27
C TYR E 49 19.72 24.25 9.92
N ILE E 50 18.62 24.34 9.16
CA ILE E 50 17.30 23.91 9.62
C ILE E 50 16.72 22.95 8.59
N SER E 51 16.08 21.90 9.08
CA SER E 51 15.66 20.76 8.27
C SER E 51 14.25 20.98 7.74
N SER E 52 13.69 19.93 7.14
CA SER E 52 12.34 19.97 6.58
C SER E 52 11.37 19.35 7.58
N GLY E 53 10.30 20.08 7.90
CA GLY E 53 9.48 19.69 9.02
C GLY E 53 9.98 20.19 10.35
N SER E 54 11.00 21.05 10.36
CA SER E 54 11.49 21.73 11.56
C SER E 54 11.95 20.74 12.63
N GLY E 55 12.33 19.53 12.23
CA GLY E 55 12.73 18.54 13.20
C GLY E 55 14.12 18.72 13.77
N THR E 56 15.04 19.26 12.97
CA THR E 56 16.46 19.28 13.30
C THR E 56 17.02 20.68 13.14
N ILE E 57 17.92 21.06 14.04
CA ILE E 57 18.57 22.36 14.02
C ILE E 57 20.05 22.17 14.35
N TYR E 58 20.92 22.83 13.58
CA TYR E 58 22.35 22.81 13.87
C TYR E 58 22.90 24.23 13.83
N TYR E 59 23.77 24.54 14.79
CA TYR E 59 24.40 25.85 14.91
C TYR E 59 25.91 25.73 14.77
N ALA E 60 26.55 26.86 14.45
CA ALA E 60 27.99 26.93 14.48
C ALA E 60 28.48 26.99 15.92
N ASP E 61 29.79 26.83 16.10
CA ASP E 61 30.34 26.73 17.44
C ASP E 61 30.40 28.08 18.15
N THR E 62 30.63 29.17 17.41
CA THR E 62 30.77 30.49 18.00
C THR E 62 29.48 31.30 17.99
N VAL E 63 28.33 30.64 17.88
CA VAL E 63 27.06 31.35 17.82
C VAL E 63 26.05 30.74 18.78
N LYS E 64 26.34 29.55 19.30
CA LYS E 64 25.37 28.84 20.12
C LYS E 64 24.96 29.70 21.31
N GLY E 65 23.64 29.81 21.51
CA GLY E 65 23.11 30.67 22.54
C GLY E 65 22.91 32.11 22.14
N ARG E 66 23.40 32.51 20.97
CA ARG E 66 23.21 33.86 20.46
C ARG E 66 22.28 33.93 19.26
N PHE E 67 22.36 32.97 18.35
CA PHE E 67 21.58 32.98 17.12
C PHE E 67 20.49 31.92 17.20
N THR E 68 19.35 32.21 16.59
CA THR E 68 18.22 31.29 16.55
C THR E 68 17.62 31.31 15.14
N ILE E 69 17.24 30.13 14.66
CA ILE E 69 16.79 29.96 13.28
C ILE E 69 15.35 29.48 13.30
N SER E 70 14.53 30.01 12.38
CA SER E 70 13.12 29.63 12.36
C SER E 70 12.57 29.76 10.94
N ARG E 71 11.55 28.96 10.64
CA ARG E 71 10.90 28.98 9.34
C ARG E 71 9.39 29.05 9.50
N ASP E 72 8.72 29.52 8.46
CA ASP E 72 7.26 29.50 8.42
C ASP E 72 6.81 29.13 7.02
N ASP E 73 6.07 28.03 6.91
CA ASP E 73 5.66 27.42 5.65
C ASP E 73 4.47 28.12 4.97
N PRO E 74 3.40 28.49 5.69
CA PRO E 74 2.26 29.10 5.00
C PRO E 74 2.60 30.36 4.23
N LYS E 75 3.58 31.14 4.67
CA LYS E 75 4.00 32.32 3.93
C LYS E 75 5.39 32.19 3.32
N ASN E 76 6.07 31.05 3.53
CA ASN E 76 7.38 30.78 2.93
C ASN E 76 8.41 31.85 3.33
N THR E 77 8.73 31.87 4.62
CA THR E 77 9.64 32.88 5.12
C THR E 77 10.63 32.28 6.10
N LEU E 78 11.88 32.74 6.03
CA LEU E 78 12.95 32.31 6.94
C LEU E 78 13.39 33.47 7.82
N PHE E 79 13.66 33.18 9.09
CA PHE E 79 14.11 34.17 10.06
C PHE E 79 15.37 33.70 10.77
N LEU E 80 16.30 34.63 10.97
CA LEU E 80 17.42 34.47 11.88
C LEU E 80 17.34 35.58 12.92
N GLN E 81 17.14 35.20 14.17
CA GLN E 81 17.07 36.13 15.30
C GLN E 81 18.41 36.11 16.02
N MET E 82 19.05 37.26 16.14
CA MET E 82 20.45 37.29 16.55
C MET E 82 20.67 38.44 17.54
N THR E 83 21.35 38.13 18.64
CA THR E 83 21.45 39.04 19.77
C THR E 83 22.89 39.09 20.29
N SER E 84 23.18 40.16 21.04
CA SER E 84 24.46 40.35 21.72
C SER E 84 25.61 40.36 20.71
N LEU E 85 25.60 41.39 19.87
CA LEU E 85 26.56 41.48 18.78
C LEU E 85 27.90 42.04 19.27
N ARG E 86 28.92 41.80 18.45
CA ARG E 86 30.29 42.22 18.74
C ARG E 86 30.98 42.50 17.41
N SER E 87 32.15 43.14 17.50
CA SER E 87 32.83 43.65 16.32
C SER E 87 33.20 42.55 15.32
N GLU E 88 33.26 41.30 15.76
CA GLU E 88 33.64 40.21 14.86
C GLU E 88 32.46 39.70 14.02
N ASP E 89 31.32 40.40 14.03
CA ASP E 89 30.13 39.96 13.32
C ASP E 89 29.73 40.93 12.20
N THR E 90 30.69 41.67 11.65
CA THR E 90 30.44 42.52 10.50
C THR E 90 30.79 41.74 9.24
N ALA E 91 29.78 41.46 8.43
CA ALA E 91 29.95 40.53 7.30
C ALA E 91 28.74 40.67 6.38
N MET E 92 28.62 39.74 5.45
CA MET E 92 27.46 39.61 4.59
C MET E 92 26.91 38.19 4.75
N TYR E 93 25.60 38.05 4.63
CA TYR E 93 24.92 36.79 4.88
C TYR E 93 24.14 36.35 3.65
N TYR E 94 24.27 35.07 3.30
CA TYR E 94 23.57 34.47 2.18
C TYR E 94 22.72 33.32 2.69
N CYS E 95 21.59 33.10 2.02
CA CYS E 95 20.66 32.04 2.36
C CYS E 95 20.62 31.04 1.22
N VAL E 96 20.81 29.76 1.54
CA VAL E 96 20.97 28.76 0.49
C VAL E 96 20.05 27.59 0.75
N ARG E 97 19.87 26.79 -0.30
CA ARG E 97 18.83 25.79 -0.45
C ARG E 97 19.45 24.42 -0.59
N SER E 98 18.76 23.38 -0.12
CA SER E 98 19.25 22.02 -0.38
C SER E 98 18.12 21.02 -0.18
N ILE E 99 18.26 19.85 -0.80
CA ILE E 99 17.23 18.81 -0.73
C ILE E 99 17.89 17.45 -0.83
N TYR E 100 17.61 16.56 0.13
CA TYR E 100 18.30 15.29 0.26
C TYR E 100 17.36 14.13 -0.02
N TYR E 101 17.74 13.28 -0.97
CA TYR E 101 17.15 11.98 -1.26
C TYR E 101 18.07 11.35 -2.29
N TYR E 102 17.78 10.11 -2.68
CA TYR E 102 18.80 9.35 -3.42
C TYR E 102 19.03 9.90 -4.82
N GLY E 103 20.09 10.68 -4.98
CA GLY E 103 20.45 11.23 -6.27
C GLY E 103 20.29 12.72 -6.41
N SER E 104 19.97 13.45 -5.35
CA SER E 104 19.70 14.87 -5.46
C SER E 104 20.99 15.68 -5.43
N SER E 105 20.84 16.99 -5.59
CA SER E 105 21.96 17.91 -5.82
C SER E 105 21.87 19.09 -4.85
N PRO E 106 22.37 18.93 -3.63
CA PRO E 106 22.28 20.02 -2.66
C PRO E 106 23.12 21.23 -3.07
N PHE E 107 22.78 22.37 -2.47
CA PHE E 107 23.50 23.63 -2.67
C PHE E 107 23.48 24.06 -4.14
N ASP E 108 22.28 24.14 -4.71
CA ASP E 108 22.16 24.47 -6.12
C ASP E 108 21.80 25.92 -6.37
N PHE E 109 20.95 26.52 -5.53
CA PHE E 109 20.53 27.90 -5.73
C PHE E 109 20.94 28.72 -4.51
N TRP E 110 21.58 29.87 -4.76
CA TRP E 110 22.03 30.76 -3.71
C TRP E 110 21.32 32.09 -3.84
N GLY E 111 20.98 32.69 -2.71
CA GLY E 111 20.34 33.99 -2.71
C GLY E 111 21.26 35.10 -3.12
N GLN E 112 20.92 36.34 -2.75
CA GLN E 112 21.73 37.50 -3.11
C GLN E 112 22.45 38.07 -1.89
N GLY E 113 21.99 37.78 -0.69
CA GLY E 113 22.70 38.16 0.52
C GLY E 113 22.44 39.60 0.93
N THR E 114 22.74 39.88 2.19
CA THR E 114 22.56 41.22 2.74
C THR E 114 23.71 41.52 3.69
N THR E 115 23.97 42.82 3.88
CA THR E 115 25.10 43.29 4.66
C THR E 115 24.70 43.62 6.09
N LEU E 116 25.52 43.21 7.05
CA LEU E 116 25.34 43.65 8.43
C LEU E 116 26.67 44.13 8.96
N THR E 117 26.70 45.36 9.49
CA THR E 117 27.93 45.97 9.98
C THR E 117 27.69 46.51 11.38
N VAL E 118 28.58 46.15 12.30
CA VAL E 118 28.56 46.66 13.67
C VAL E 118 29.74 47.60 13.84
N SER E 119 29.51 48.72 14.52
CA SER E 119 30.54 49.75 14.66
C SER E 119 31.71 49.28 15.53
N SER E 135 39.22 21.65 19.49
CA SER E 135 38.38 21.53 18.30
C SER E 135 38.66 20.21 17.57
N ALA E 136 37.58 19.47 17.28
CA ALA E 136 37.66 18.23 16.54
C ALA E 136 37.26 18.39 15.07
N ASP E 137 37.10 19.63 14.61
CA ASP E 137 36.65 19.89 13.26
C ASP E 137 37.67 19.38 12.24
N ILE E 138 37.28 19.43 10.97
CA ILE E 138 38.15 19.07 9.86
C ILE E 138 38.66 20.35 9.22
N VAL E 139 39.91 20.31 8.76
CA VAL E 139 40.56 21.48 8.16
C VAL E 139 40.72 21.23 6.67
N MET E 140 40.32 22.21 5.86
CA MET E 140 40.56 22.19 4.43
C MET E 140 41.43 23.40 4.09
N THR E 141 42.45 23.17 3.27
CA THR E 141 43.46 24.18 2.98
C THR E 141 43.52 24.41 1.47
N GLN E 142 43.33 25.66 1.06
CA GLN E 142 43.52 26.06 -0.33
C GLN E 142 44.99 26.38 -0.53
N ALA E 143 45.70 25.52 -1.26
CA ALA E 143 47.15 25.56 -1.28
C ALA E 143 47.69 26.87 -1.83
N THR E 144 47.09 27.36 -2.91
CA THR E 144 47.60 28.53 -3.61
C THR E 144 46.83 29.78 -3.16
N SER E 145 47.17 30.90 -3.75
CA SER E 145 46.45 32.15 -3.50
C SER E 145 46.00 32.85 -4.76
N SER E 146 46.79 32.81 -5.82
CA SER E 146 46.46 33.51 -7.05
C SER E 146 47.29 32.94 -8.20
N VAL E 147 46.66 32.78 -9.36
CA VAL E 147 47.32 32.20 -10.53
C VAL E 147 47.08 33.08 -11.75
N PRO E 148 48.14 33.55 -12.42
CA PRO E 148 47.94 34.28 -13.68
C PRO E 148 47.93 33.36 -14.89
N VAL E 149 46.91 33.48 -15.76
CA VAL E 149 46.76 32.61 -16.91
C VAL E 149 46.27 33.43 -18.11
N THR E 150 46.23 32.78 -19.27
CA THR E 150 45.89 33.38 -20.55
C THR E 150 44.81 32.54 -21.23
N PRO E 151 43.81 33.18 -21.85
CA PRO E 151 42.71 32.42 -22.45
C PRO E 151 43.18 31.48 -23.55
N GLY E 152 42.47 30.37 -23.68
CA GLY E 152 42.81 29.32 -24.62
C GLY E 152 43.55 28.15 -24.01
N GLU E 153 44.18 28.35 -22.85
CA GLU E 153 44.94 27.31 -22.18
C GLU E 153 44.01 26.51 -21.25
N SER E 154 44.60 25.57 -20.51
CA SER E 154 43.89 24.80 -19.51
C SER E 154 44.56 25.01 -18.16
N VAL E 155 43.75 24.99 -17.09
CA VAL E 155 44.26 25.24 -15.75
C VAL E 155 43.78 24.14 -14.82
N SER E 156 44.51 23.99 -13.71
CA SER E 156 44.14 23.07 -12.65
C SER E 156 44.37 23.74 -11.31
N ILE E 157 43.45 23.49 -10.37
CA ILE E 157 43.53 24.00 -9.02
C ILE E 157 43.36 22.81 -8.08
N SER E 158 43.90 22.93 -6.87
CA SER E 158 43.83 21.83 -5.92
C SER E 158 43.63 22.37 -4.52
N CYS E 159 43.04 21.54 -3.66
CA CYS E 159 43.02 21.83 -2.23
C CYS E 159 43.16 20.54 -1.44
N ARG E 160 43.57 20.69 -0.18
CA ARG E 160 43.98 19.59 0.66
C ARG E 160 43.06 19.47 1.87
N SER E 161 42.97 18.26 2.41
CA SER E 161 42.14 17.95 3.57
C SER E 161 43.01 17.43 4.70
N SER E 162 42.38 17.22 5.86
CA SER E 162 43.05 16.72 7.04
C SER E 162 42.52 15.38 7.50
N LYS E 163 41.69 14.73 6.70
CA LYS E 163 41.06 13.47 7.07
C LYS E 163 40.48 12.86 5.81
N SER E 164 40.26 11.55 5.84
CA SER E 164 39.63 10.88 4.70
C SER E 164 38.20 11.36 4.54
N LEU E 165 37.81 11.63 3.30
CA LEU E 165 36.45 12.05 2.98
C LEU E 165 35.60 10.93 2.39
N LEU E 166 36.22 9.89 1.84
CA LEU E 166 35.47 8.75 1.33
C LEU E 166 34.76 8.04 2.46
N HIS E 167 33.57 7.53 2.19
CA HIS E 167 32.75 6.85 3.18
C HIS E 167 32.59 5.38 2.80
N SER E 168 32.09 4.60 3.77
CA SER E 168 31.92 3.17 3.55
C SER E 168 30.92 2.86 2.45
N ASN E 169 29.98 3.76 2.17
CA ASN E 169 28.98 3.52 1.13
C ASN E 169 29.41 3.96 -0.26
N GLY E 170 30.59 4.58 -0.38
CA GLY E 170 31.16 4.94 -1.66
C GLY E 170 31.16 6.42 -1.96
N ASN E 171 30.47 7.23 -1.15
CA ASN E 171 30.37 8.64 -1.45
C ASN E 171 31.68 9.37 -1.12
N THR E 172 31.75 10.64 -1.53
CA THR E 172 32.87 11.50 -1.20
C THR E 172 32.36 12.94 -1.25
N TYR E 173 32.30 13.59 -0.09
CA TYR E 173 31.55 14.84 0.05
C TYR E 173 32.48 16.04 -0.07
N LEU E 174 32.85 16.35 -1.30
CA LEU E 174 33.57 17.57 -1.61
C LEU E 174 32.80 18.37 -2.66
N TYR E 175 32.71 19.68 -2.45
CA TYR E 175 31.95 20.55 -3.32
C TYR E 175 32.85 21.68 -3.82
N TRP E 176 32.75 21.99 -5.11
CA TRP E 176 33.49 23.06 -5.76
C TRP E 176 32.52 24.15 -6.18
N PHE E 177 32.74 25.38 -5.69
CA PHE E 177 31.93 26.55 -6.00
C PHE E 177 32.78 27.63 -6.65
N LEU E 178 32.12 28.48 -7.44
CA LEU E 178 32.73 29.61 -8.13
C LEU E 178 32.09 30.90 -7.65
N GLN E 179 32.83 32.00 -7.70
CA GLN E 179 32.27 33.33 -7.42
C GLN E 179 32.93 34.34 -8.33
N ARG E 180 32.16 34.88 -9.27
CA ARG E 180 32.56 35.97 -10.14
C ARG E 180 32.53 37.29 -9.39
N PRO E 181 33.25 38.30 -9.87
CA PRO E 181 33.28 39.59 -9.15
C PRO E 181 31.91 40.23 -9.05
N GLY E 182 31.57 40.66 -7.83
CA GLY E 182 30.34 41.40 -7.61
C GLY E 182 29.06 40.61 -7.75
N GLN E 183 29.09 39.30 -7.48
CA GLN E 183 27.92 38.46 -7.63
C GLN E 183 27.89 37.40 -6.54
N SER E 184 26.80 36.64 -6.50
CA SER E 184 26.67 35.51 -5.60
C SER E 184 27.29 34.26 -6.23
N PRO E 185 27.71 33.31 -5.41
CA PRO E 185 28.31 32.08 -5.95
C PRO E 185 27.27 31.18 -6.60
N GLN E 186 27.79 30.13 -7.25
CA GLN E 186 26.97 29.12 -7.89
C GLN E 186 27.67 27.79 -7.77
N LEU E 187 26.92 26.70 -7.89
CA LEU E 187 27.50 25.39 -7.72
C LEU E 187 28.14 24.93 -9.02
N LEU E 188 29.40 24.49 -8.95
CA LEU E 188 30.11 23.93 -10.09
C LEU E 188 30.11 22.41 -10.05
N ILE E 189 30.64 21.81 -8.99
CA ILE E 189 30.77 20.36 -8.93
C ILE E 189 30.35 19.88 -7.55
N TYR E 190 29.36 19.00 -7.48
CA TYR E 190 28.83 18.51 -6.22
C TYR E 190 29.24 17.06 -6.00
N ARG E 191 29.53 16.72 -4.75
CA ARG E 191 29.91 15.37 -4.35
C ARG E 191 31.17 14.90 -5.09
N MET E 192 32.06 15.86 -5.35
CA MET E 192 33.46 15.67 -5.73
C MET E 192 33.68 15.20 -7.18
N SER E 193 32.65 14.71 -7.86
CA SER E 193 32.85 14.32 -9.26
C SER E 193 31.72 14.68 -10.20
N ASN E 194 30.53 15.02 -9.71
CA ASN E 194 29.35 15.14 -10.56
C ASN E 194 29.12 16.59 -10.95
N LEU E 195 28.63 16.79 -12.18
CA LEU E 195 28.49 18.13 -12.77
C LEU E 195 27.12 18.71 -12.45
N ALA E 196 27.08 20.00 -12.15
CA ALA E 196 25.86 20.66 -11.75
C ALA E 196 24.95 20.90 -12.94
N SER E 197 23.86 21.65 -12.71
CA SER E 197 22.80 21.82 -13.70
C SER E 197 22.95 23.16 -14.42
N GLY E 198 23.30 23.10 -15.71
CA GLY E 198 23.49 24.31 -16.49
C GLY E 198 24.91 24.80 -16.58
N VAL E 199 25.88 23.98 -16.19
CA VAL E 199 27.29 24.36 -16.20
C VAL E 199 27.93 23.77 -17.45
N PRO E 200 28.73 24.54 -18.21
CA PRO E 200 29.26 24.03 -19.47
C PRO E 200 30.13 22.79 -19.29
N ASP E 201 30.13 21.94 -20.32
CA ASP E 201 30.80 20.65 -20.27
C ASP E 201 32.30 20.79 -20.52
N ARG E 202 32.98 21.66 -19.77
CA ARG E 202 34.42 21.77 -19.86
C ARG E 202 35.07 21.90 -18.49
N PHE E 203 34.34 21.60 -17.42
CA PHE E 203 34.87 21.52 -16.08
C PHE E 203 34.89 20.07 -15.63
N SER E 204 35.86 19.71 -14.79
CA SER E 204 35.79 18.41 -14.16
C SER E 204 36.63 18.44 -12.88
N GLY E 205 36.50 17.39 -12.08
CA GLY E 205 37.23 17.33 -10.84
C GLY E 205 37.45 15.90 -10.41
N SER E 206 38.53 15.68 -9.66
CA SER E 206 38.85 14.36 -9.14
C SER E 206 39.76 14.54 -7.94
N GLY E 207 40.28 13.43 -7.42
CA GLY E 207 41.21 13.51 -6.33
C GLY E 207 41.20 12.23 -5.52
N SER E 208 42.21 12.10 -4.67
CA SER E 208 42.33 10.96 -3.79
C SER E 208 42.30 11.46 -2.37
N GLY E 209 42.34 10.51 -1.42
CA GLY E 209 42.20 10.84 -0.02
C GLY E 209 43.00 12.05 0.43
N THR E 210 42.29 13.09 0.87
CA THR E 210 42.76 14.34 1.45
C THR E 210 43.33 15.32 0.42
N ALA E 211 43.47 14.95 -0.85
CA ALA E 211 44.05 15.85 -1.85
C ALA E 211 43.22 15.80 -3.12
N PHE E 212 42.67 16.95 -3.54
CA PHE E 212 41.73 16.99 -4.65
C PHE E 212 42.12 18.07 -5.64
N THR E 213 41.77 17.84 -6.91
CA THR E 213 42.14 18.72 -8.01
C THR E 213 40.95 18.91 -8.95
N LEU E 214 40.56 20.17 -9.13
CA LEU E 214 39.64 20.63 -10.16
C LEU E 214 40.43 21.03 -11.40
N THR E 215 39.83 20.85 -12.57
CA THR E 215 40.46 21.24 -13.83
C THR E 215 39.46 21.90 -14.75
N ILE E 216 39.92 22.95 -15.43
CA ILE E 216 39.15 23.74 -16.38
C ILE E 216 39.88 23.74 -17.70
N SER E 217 39.15 23.52 -18.79
CA SER E 217 39.72 23.48 -20.12
C SER E 217 39.15 24.59 -20.98
N ARG E 218 40.00 25.22 -21.80
CA ARG E 218 39.61 26.29 -22.72
C ARG E 218 38.95 27.44 -21.97
N LEU E 219 39.76 28.10 -21.13
CA LEU E 219 39.27 29.23 -20.35
C LEU E 219 38.69 30.31 -21.25
N GLU E 220 37.58 30.88 -20.82
CA GLU E 220 36.86 31.93 -21.55
C GLU E 220 36.77 33.18 -20.68
N ALA E 221 36.20 34.22 -21.26
CA ALA E 221 35.91 35.43 -20.50
C ALA E 221 34.76 35.17 -19.53
N GLU E 222 34.69 36.02 -18.49
CA GLU E 222 33.75 35.87 -17.38
C GLU E 222 33.95 34.55 -16.63
N ASP E 223 35.08 33.89 -16.85
CA ASP E 223 35.49 32.72 -16.08
C ASP E 223 36.69 33.13 -15.21
N VAL E 224 36.50 34.20 -14.45
CA VAL E 224 37.54 34.80 -13.62
C VAL E 224 36.94 35.13 -12.26
N GLY E 225 37.69 34.87 -11.20
CA GLY E 225 37.17 35.12 -9.88
C GLY E 225 37.73 34.11 -8.89
N VAL E 226 36.99 33.91 -7.80
CA VAL E 226 37.49 33.15 -6.66
C VAL E 226 36.76 31.81 -6.58
N TYR E 227 37.54 30.75 -6.39
CA TYR E 227 37.03 29.39 -6.32
C TYR E 227 37.14 28.87 -4.90
N TYR E 228 36.17 28.06 -4.47
CA TYR E 228 36.14 27.52 -3.12
C TYR E 228 35.84 26.03 -3.14
N CYS E 229 36.34 25.33 -2.12
CA CYS E 229 36.07 23.91 -1.91
C CYS E 229 35.59 23.70 -0.49
N MET E 230 34.50 22.95 -0.36
CA MET E 230 33.82 22.71 0.91
C MET E 230 33.66 21.21 1.12
N GLN E 231 33.51 20.82 2.38
CA GLN E 231 33.27 19.43 2.75
C GLN E 231 31.94 19.32 3.49
N HIS E 232 31.30 18.16 3.38
CA HIS E 232 29.99 17.93 3.98
C HIS E 232 29.93 16.58 4.66
N LEU E 233 31.05 16.13 5.23
CA LEU E 233 31.07 14.81 5.83
C LEU E 233 30.33 14.77 7.15
N GLU E 234 30.47 15.81 7.96
CA GLU E 234 29.80 15.86 9.25
C GLU E 234 29.82 17.30 9.72
N TYR E 235 28.98 17.59 10.58
CA TYR E 235 28.97 18.98 11.00
C TYR E 235 30.04 19.21 12.07
N PRO E 236 30.64 20.40 12.13
CA PRO E 236 30.39 21.60 11.31
C PRO E 236 30.91 21.51 9.89
N LEU E 237 30.45 22.44 9.05
CA LEU E 237 30.89 22.53 7.67
C LEU E 237 32.01 23.56 7.57
N THR E 238 33.10 23.18 6.91
CA THR E 238 34.29 24.01 6.88
C THR E 238 34.63 24.37 5.44
N PHE E 239 34.87 25.66 5.20
CA PHE E 239 35.27 26.16 3.89
C PHE E 239 36.79 26.32 3.81
N GLY E 240 37.27 26.45 2.58
CA GLY E 240 38.67 26.67 2.33
C GLY E 240 39.05 28.14 2.41
N ALA E 241 40.33 28.40 2.19
CA ALA E 241 40.85 29.77 2.24
C ALA E 241 40.36 30.60 1.07
N GLY E 242 40.22 30.01 -0.11
CA GLY E 242 39.76 30.73 -1.28
C GLY E 242 40.87 30.98 -2.28
N THR E 243 40.70 30.47 -3.50
CA THR E 243 41.68 30.66 -4.56
C THR E 243 41.21 31.77 -5.48
N LYS E 244 42.15 32.50 -6.07
CA LYS E 244 41.84 33.56 -7.02
C LYS E 244 42.46 33.22 -8.36
N LEU E 245 41.64 33.22 -9.41
CA LEU E 245 42.10 33.00 -10.77
C LEU E 245 41.78 34.25 -11.59
N GLU E 246 42.78 34.72 -12.33
CA GLU E 246 42.69 35.99 -13.05
C GLU E 246 43.43 35.87 -14.37
C15 VCL F . -9.98 -11.95 45.54
C16 VCL F . -8.69 -11.77 45.16
C18 VCL F . -8.96 -13.93 45.62
CL1 VCL F . -16.26 -7.46 50.90
C01 VCL F . -14.72 -9.21 47.64
C02 VCL F . -15.14 -8.97 48.95
C03 VCL F . -15.79 -7.78 49.26
C04 VCL F . -16.05 -6.85 48.26
C05 VCL F . -15.66 -7.10 46.96
C06 VCL F . -14.95 -8.27 46.64
C07 VCL F . -14.49 -8.55 45.21
N08 VCL F . -13.94 -7.30 44.68
C09 VCL F . -12.72 -7.04 44.26
N10 VCL F . -12.66 -6.15 43.30
S11 VCL F . -11.26 -7.76 44.81
C12 VCL F . -11.40 -8.42 46.50
C13 VCL F . -10.50 -9.66 46.52
C14 VCL F . -11.00 -10.85 45.67
N17 VCL F . -8.08 -12.99 45.24
N19 VCL F . -10.14 -13.31 45.81
#